data_6SR6
#
_entry.id   6SR6
#
_cell.length_a   51.977
_cell.length_b   258.454
_cell.length_c   53.017
_cell.angle_alpha   90.000
_cell.angle_beta   100.090
_cell.angle_gamma   90.000
#
_symmetry.space_group_name_H-M   'P 1 21 1'
#
loop_
_entity.id
_entity.type
_entity.pdbx_description
1 polymer 'Putative heat shock protein'
2 polymer 'Putative ribosome associated protein'
3 non-polymer "ADENOSINE-5'-TRIPHOSPHATE"
4 non-polymer 'MAGNESIUM ION'
5 water water
#
loop_
_entity_poly.entity_id
_entity_poly.type
_entity_poly.pdbx_seq_one_letter_code
_entity_poly.pdbx_strand_id
1 'polypeptide(L)'
;SAMGWSHPQFEKAESASKAAPGERVVIGITFGNSNSSIAHTVDDKAEVIANEDGDRQIPTILSYVDGDEYYGQQAKNFLV
RNPKNTVAYFRDILGQDFKSVDPTHNHASAHPQEAGDNVVFTIKDKAEEDAEPSTLTVSEIATRYLRRLVGAASEYLGKK
VTSAVITIPTNFTEKQKAALIAAAAAADLEVLQLISEPAAAVLAYDARPEATISDKIIVVADLGGSRSDVTVLASRSGMY
TILATVHDYEYHGIALDKVLIDHFSKEFLKKNPGAKDPRENPRSLAKLRLEAESTKRALSRSTNASFSVESLIDGLDFAS
TINRLRYETIARTVFEGFNRLVESAVKKAGLDPLDVDEVIMSGGTSNTPRIAANFRYIFPESTRILAPSTDPSALNPSEL
QARGAALQASLIQEFETEDIEQSTHAAVTTMPHVTNAIGVVSVSESGEEKFVPIIAPETAVPARRTVHLDAPKEGGDVLV
KVVEGSTHINVIKPEPKAKEDGETKEKTEDADDDGDFDDDDEEEEEEEEEEEKREKVWKIGSTLAEAAVRGVKKGAKVEV
TINVNTDLTVIVTAREVGGKGGVRGTLSA
;
A,C
2 'polypeptide(L)' GPAMNATVVSLPLPTLPEGWAAEKDFKAIGKLTQEGSSMRTLEPVGPHFLAHARRVRHKRTFS B,D
#
loop_
_chem_comp.id
_chem_comp.type
_chem_comp.name
_chem_comp.formula
ATP non-polymer ADENOSINE-5'-TRIPHOSPHATE 'C10 H16 N5 O13 P3'
MG non-polymer 'MAGNESIUM ION' 'Mg 2'
#
# COMPACT_ATOMS: atom_id res chain seq x y z
N ALA A 20 13.25 -15.80 -29.28
CA ALA A 20 14.19 -15.68 -30.40
C ALA A 20 15.36 -14.78 -30.01
N PRO A 21 16.58 -15.17 -30.40
CA PRO A 21 17.77 -14.41 -29.97
C PRO A 21 17.78 -12.96 -30.39
N GLY A 22 17.35 -12.66 -31.62
CA GLY A 22 17.43 -11.29 -32.11
C GLY A 22 16.41 -10.35 -31.53
N GLU A 23 15.39 -10.87 -30.85
CA GLU A 23 14.25 -10.07 -30.42
C GLU A 23 13.97 -10.21 -28.93
N ARG A 24 14.98 -10.55 -28.15
CA ARG A 24 14.84 -10.67 -26.71
C ARG A 24 14.79 -9.29 -26.05
N VAL A 25 14.01 -9.19 -24.98
CA VAL A 25 14.03 -8.05 -24.07
C VAL A 25 14.48 -8.61 -22.74
N VAL A 26 15.75 -8.36 -22.39
CA VAL A 26 16.38 -9.01 -21.24
C VAL A 26 16.50 -8.03 -20.09
N ILE A 27 16.49 -8.58 -18.88
CA ILE A 27 16.77 -7.83 -17.65
C ILE A 27 17.63 -8.72 -16.75
N GLY A 28 18.09 -8.13 -15.66
CA GLY A 28 18.77 -8.87 -14.60
C GLY A 28 17.87 -8.90 -13.38
N ILE A 29 17.80 -10.07 -12.73
CA ILE A 29 16.92 -10.27 -11.59
C ILE A 29 17.74 -10.80 -10.41
N THR A 30 17.57 -10.20 -9.25
CA THR A 30 18.01 -10.77 -7.99
C THR A 30 16.78 -11.17 -7.20
N PHE A 31 16.76 -12.41 -6.72
CA PHE A 31 15.57 -13.03 -6.13
C PHE A 31 15.96 -13.58 -4.77
N GLY A 32 15.78 -12.78 -3.73
CA GLY A 32 16.20 -13.14 -2.39
C GLY A 32 15.02 -13.46 -1.47
N ASN A 33 15.36 -14.02 -0.30
CA ASN A 33 14.34 -14.35 0.70
C ASN A 33 13.63 -13.10 1.20
N SER A 34 14.38 -12.01 1.40
CA SER A 34 13.79 -10.79 1.94
C SER A 34 13.35 -9.84 0.83
N ASN A 35 14.25 -9.55 -0.11
CA ASN A 35 14.01 -8.55 -1.14
C ASN A 35 14.39 -9.07 -2.51
N SER A 36 13.89 -8.37 -3.53
CA SER A 36 14.22 -8.65 -4.92
C SER A 36 14.46 -7.33 -5.63
N SER A 37 15.15 -7.40 -6.76
CA SER A 37 15.47 -6.21 -7.52
C SER A 37 15.61 -6.57 -9.00
N ILE A 38 15.34 -5.59 -9.85
CA ILE A 38 15.38 -5.74 -11.30
C ILE A 38 16.28 -4.66 -11.88
N ALA A 39 16.97 -5.01 -12.97
CA ALA A 39 17.93 -4.08 -13.56
C ALA A 39 18.08 -4.38 -15.04
N HIS A 40 18.49 -3.36 -15.79
CA HIS A 40 18.84 -3.50 -17.19
C HIS A 40 20.08 -2.67 -17.46
N THR A 41 20.49 -2.61 -18.73
CA THR A 41 21.68 -1.86 -19.12
C THR A 41 21.29 -0.78 -20.12
N VAL A 42 21.73 0.45 -19.84
CA VAL A 42 21.58 1.58 -20.75
C VAL A 42 22.98 2.07 -21.11
N ASP A 43 23.32 2.01 -22.40
CA ASP A 43 24.66 2.38 -22.88
C ASP A 43 25.74 1.59 -22.14
N ASP A 44 25.54 0.28 -22.05
CA ASP A 44 26.46 -0.67 -21.43
C ASP A 44 26.70 -0.39 -19.96
N LYS A 45 25.76 0.29 -19.30
CA LYS A 45 25.85 0.57 -17.86
C LYS A 45 24.61 0.01 -17.18
N ALA A 46 24.83 -0.74 -16.10
CA ALA A 46 23.72 -1.32 -15.36
C ALA A 46 23.00 -0.26 -14.54
N GLU A 47 21.66 -0.28 -14.60
CA GLU A 47 20.84 0.61 -13.80
C GLU A 47 19.70 -0.20 -13.19
N VAL A 48 19.47 -0.01 -11.89
CA VAL A 48 18.44 -0.75 -11.17
C VAL A 48 17.12 -0.01 -11.31
N ILE A 49 16.06 -0.76 -11.60
CA ILE A 49 14.75 -0.19 -11.89
C ILE A 49 13.95 -0.09 -10.60
N ALA A 50 13.25 1.02 -10.42
CA ALA A 50 12.27 1.16 -9.36
C ALA A 50 10.90 0.74 -9.86
N ASN A 51 10.11 0.13 -8.98
CA ASN A 51 8.81 -0.40 -9.39
C ASN A 51 7.75 0.69 -9.16
N GLU A 52 6.47 0.29 -9.15
CA GLU A 52 5.38 1.26 -9.03
C GLU A 52 5.43 2.04 -7.73
N ASP A 53 5.90 1.42 -6.65
CA ASP A 53 6.01 2.07 -5.36
C ASP A 53 7.24 2.95 -5.24
N GLY A 54 8.09 2.98 -6.26
CA GLY A 54 9.35 3.69 -6.16
C GLY A 54 10.47 2.91 -5.50
N ASP A 55 10.29 1.62 -5.28
CA ASP A 55 11.26 0.79 -4.57
C ASP A 55 12.23 0.15 -5.56
N ARG A 56 13.51 0.19 -5.24
CA ARG A 56 14.51 -0.59 -5.94
C ARG A 56 14.89 -1.87 -5.20
N GLN A 57 14.67 -1.91 -3.89
CA GLN A 57 14.74 -3.13 -3.11
C GLN A 57 13.29 -3.53 -2.80
N ILE A 58 12.77 -4.47 -3.57
CA ILE A 58 11.36 -4.82 -3.56
C ILE A 58 11.19 -6.03 -2.65
N PRO A 59 10.52 -5.91 -1.51
CA PRO A 59 10.32 -7.07 -0.62
C PRO A 59 9.73 -8.27 -1.35
N THR A 60 10.32 -9.44 -1.09
CA THR A 60 9.86 -10.70 -1.68
C THR A 60 8.68 -11.22 -0.87
N ILE A 61 7.57 -10.49 -0.96
CA ILE A 61 6.38 -10.76 -0.16
C ILE A 61 5.15 -10.70 -1.05
N LEU A 62 4.25 -11.66 -0.87
CA LEU A 62 2.99 -11.72 -1.58
C LEU A 62 1.85 -11.74 -0.57
N SER A 63 0.79 -10.99 -0.84
CA SER A 63 -0.33 -10.87 0.08
C SER A 63 -1.61 -10.64 -0.71
N TYR A 64 -2.73 -11.11 -0.16
CA TYR A 64 -4.03 -11.01 -0.81
C TYR A 64 -5.03 -10.37 0.15
N VAL A 65 -5.73 -9.35 -0.34
CA VAL A 65 -6.79 -8.68 0.42
C VAL A 65 -7.96 -8.45 -0.53
N ASP A 66 -9.13 -9.01 -0.20
CA ASP A 66 -10.35 -8.82 -0.98
C ASP A 66 -10.18 -9.28 -2.42
N GLY A 67 -9.38 -10.33 -2.64
CA GLY A 67 -9.11 -10.82 -3.97
C GLY A 67 -8.08 -10.04 -4.74
N ASP A 68 -7.55 -8.96 -4.18
CA ASP A 68 -6.48 -8.20 -4.81
C ASP A 68 -5.13 -8.80 -4.44
N GLU A 69 -4.26 -8.91 -5.44
CA GLU A 69 -2.90 -9.37 -5.20
C GLU A 69 -1.99 -8.18 -4.97
N TYR A 70 -1.20 -8.23 -3.90
CA TYR A 70 -0.21 -7.21 -3.59
C TYR A 70 1.16 -7.86 -3.49
N TYR A 71 2.20 -7.08 -3.78
CA TYR A 71 3.57 -7.55 -3.66
C TYR A 71 4.44 -6.41 -3.19
N GLY A 72 5.69 -6.74 -2.86
CA GLY A 72 6.65 -5.72 -2.45
C GLY A 72 6.23 -5.06 -1.16
N GLN A 73 6.38 -3.73 -1.14
CA GLN A 73 6.15 -2.98 0.10
C GLN A 73 4.68 -2.97 0.49
N GLN A 74 3.78 -2.86 -0.49
CA GLN A 74 2.35 -2.90 -0.18
C GLN A 74 1.99 -4.21 0.50
N ALA A 75 2.53 -5.33 0.03
CA ALA A 75 2.31 -6.60 0.70
C ALA A 75 3.00 -6.65 2.05
N LYS A 76 4.19 -6.05 2.16
CA LYS A 76 4.89 -6.03 3.44
C LYS A 76 4.10 -5.28 4.50
N ASN A 77 3.36 -4.24 4.10
CA ASN A 77 2.55 -3.48 5.05
C ASN A 77 1.40 -4.30 5.62
N PHE A 78 0.94 -5.33 4.91
CA PHE A 78 -0.15 -6.16 5.40
C PHE A 78 0.29 -7.25 6.37
N LEU A 79 1.58 -7.27 6.74
CA LEU A 79 2.06 -8.29 7.69
C LEU A 79 1.44 -8.15 9.07
N VAL A 80 0.93 -6.97 9.42
CA VAL A 80 0.33 -6.75 10.72
C VAL A 80 -1.16 -7.11 10.71
N ARG A 81 -1.89 -6.62 9.71
CA ARG A 81 -3.33 -6.80 9.67
C ARG A 81 -3.75 -8.12 9.05
N ASN A 82 -2.95 -8.64 8.11
CA ASN A 82 -3.34 -9.79 7.28
C ASN A 82 -2.20 -10.81 7.22
N PRO A 83 -1.76 -11.34 8.37
CA PRO A 83 -0.60 -12.23 8.34
C PRO A 83 -0.87 -13.58 7.71
N LYS A 84 -2.00 -14.20 8.03
CA LYS A 84 -2.26 -15.56 7.55
C LYS A 84 -2.48 -15.63 6.04
N ASN A 85 -2.70 -14.49 5.39
CA ASN A 85 -2.86 -14.43 3.94
C ASN A 85 -1.66 -13.79 3.26
N THR A 86 -0.54 -13.69 3.96
CA THR A 86 0.70 -13.14 3.43
C THR A 86 1.74 -14.25 3.36
N VAL A 87 2.46 -14.32 2.25
CA VAL A 87 3.51 -15.32 2.04
C VAL A 87 4.83 -14.59 1.88
N ALA A 88 5.81 -14.99 2.68
CA ALA A 88 7.12 -14.35 2.70
C ALA A 88 8.19 -15.39 2.96
N TYR A 89 9.44 -14.97 2.78
CA TYR A 89 10.62 -15.81 3.08
C TYR A 89 10.49 -17.19 2.45
N PHE A 90 10.11 -17.22 1.18
CA PHE A 90 9.85 -18.46 0.46
C PHE A 90 10.87 -18.77 -0.63
N ARG A 91 11.88 -17.91 -0.83
CA ARG A 91 12.84 -18.13 -1.91
C ARG A 91 13.61 -19.43 -1.70
N ASP A 92 14.17 -19.63 -0.50
CA ASP A 92 14.91 -20.84 -0.21
C ASP A 92 14.02 -22.08 -0.11
N ILE A 93 12.70 -21.90 0.00
CA ILE A 93 11.79 -23.04 0.08
C ILE A 93 11.61 -23.70 -1.28
N LEU A 94 11.78 -22.94 -2.37
CA LEU A 94 11.65 -23.47 -3.72
C LEU A 94 12.54 -24.69 -3.92
N GLY A 95 11.97 -25.73 -4.52
CA GLY A 95 12.75 -26.91 -4.85
C GLY A 95 13.30 -27.68 -3.67
N GLN A 96 12.69 -27.52 -2.50
CA GLN A 96 13.11 -28.24 -1.30
C GLN A 96 12.02 -29.21 -0.85
N ASP A 97 12.46 -30.35 -0.31
CA ASP A 97 11.54 -31.22 0.40
C ASP A 97 11.09 -30.54 1.68
N PHE A 98 9.90 -30.92 2.15
CA PHE A 98 9.35 -30.29 3.36
C PHE A 98 10.24 -30.55 4.56
N LYS A 99 10.84 -31.75 4.63
CA LYS A 99 11.72 -32.10 5.76
C LYS A 99 12.92 -31.18 5.86
N SER A 100 13.27 -30.48 4.78
CA SER A 100 14.40 -29.56 4.79
C SER A 100 13.98 -28.11 5.04
N VAL A 101 12.69 -27.83 5.11
CA VAL A 101 12.22 -26.46 5.26
C VAL A 101 12.43 -26.00 6.70
N ASP A 102 12.97 -24.79 6.85
CA ASP A 102 13.02 -24.13 8.15
C ASP A 102 11.93 -23.07 8.18
N PRO A 103 10.86 -23.28 8.95
CA PRO A 103 9.73 -22.32 8.93
C PRO A 103 9.89 -21.13 9.88
N THR A 104 11.06 -20.94 10.48
CA THR A 104 11.24 -19.93 11.52
C THR A 104 10.74 -18.56 11.07
N HIS A 105 11.22 -18.08 9.92
CA HIS A 105 10.87 -16.75 9.48
C HIS A 105 9.47 -16.66 8.89
N ASN A 106 8.83 -17.80 8.63
CA ASN A 106 7.45 -17.81 8.15
C ASN A 106 6.42 -17.79 9.28
N HIS A 107 6.86 -17.92 10.53
CA HIS A 107 5.94 -18.09 11.65
C HIS A 107 4.98 -16.92 11.77
N ALA A 108 5.41 -15.71 11.41
CA ALA A 108 4.58 -14.52 11.50
C ALA A 108 3.73 -14.29 10.27
N SER A 109 3.72 -15.23 9.32
CA SER A 109 2.84 -15.17 8.15
C SER A 109 2.27 -16.54 7.81
N ALA A 110 1.98 -16.79 6.54
CA ALA A 110 1.45 -18.09 6.12
C ALA A 110 2.51 -19.17 6.33
N HIS A 111 2.14 -20.21 7.09
CA HIS A 111 3.05 -21.31 7.37
C HIS A 111 3.20 -22.21 6.15
N PRO A 112 4.41 -22.64 5.83
CA PRO A 112 4.57 -23.70 4.83
C PRO A 112 4.19 -25.05 5.43
N GLN A 113 3.35 -25.79 4.72
CA GLN A 113 2.88 -27.07 5.17
C GLN A 113 3.11 -28.11 4.08
N GLU A 114 2.97 -29.37 4.48
CA GLU A 114 3.24 -30.51 3.61
C GLU A 114 1.95 -31.01 2.98
N ALA A 115 1.93 -31.08 1.65
CA ALA A 115 0.78 -31.60 0.92
C ALA A 115 1.32 -32.45 -0.22
N GLY A 116 1.14 -33.77 -0.11
CA GLY A 116 1.79 -34.67 -1.06
C GLY A 116 3.30 -34.56 -0.92
N ASP A 117 3.98 -34.50 -2.06
CA ASP A 117 5.42 -34.25 -2.08
C ASP A 117 5.74 -32.80 -2.43
N ASN A 118 4.86 -31.87 -2.08
CA ASN A 118 5.05 -30.45 -2.33
C ASN A 118 4.92 -29.66 -1.05
N VAL A 119 5.60 -28.52 -1.01
CA VAL A 119 5.43 -27.55 0.06
C VAL A 119 4.41 -26.52 -0.38
N VAL A 120 3.36 -26.33 0.43
CA VAL A 120 2.25 -25.47 0.04
C VAL A 120 1.96 -24.45 1.13
N PHE A 121 1.29 -23.37 0.72
CA PHE A 121 0.72 -22.37 1.60
C PHE A 121 -0.78 -22.30 1.37
N THR A 122 -1.55 -22.15 2.43
CA THR A 122 -3.00 -22.07 2.35
C THR A 122 -3.43 -20.63 2.66
N ILE A 123 -3.92 -19.92 1.65
CA ILE A 123 -4.27 -18.52 1.78
C ILE A 123 -5.60 -18.26 1.08
N LYS A 124 -6.26 -17.16 1.47
CA LYS A 124 -7.49 -16.71 0.84
C LYS A 124 -7.13 -15.69 -0.23
N ASP A 125 -7.03 -16.15 -1.48
CA ASP A 125 -6.74 -15.26 -2.61
C ASP A 125 -7.98 -15.00 -3.47
N LYS A 126 -9.15 -15.44 -3.04
CA LYS A 126 -10.39 -15.18 -3.75
C LYS A 126 -11.14 -14.01 -3.11
N ALA A 127 -12.04 -13.42 -3.89
CA ALA A 127 -12.71 -12.19 -3.45
C ALA A 127 -13.86 -12.46 -2.49
N GLU A 128 -14.60 -13.56 -2.70
CA GLU A 128 -15.77 -13.82 -1.89
C GLU A 128 -15.39 -14.12 -0.45
N GLU A 129 -16.19 -13.60 0.49
CA GLU A 129 -15.80 -13.70 1.89
C GLU A 129 -16.03 -15.10 2.45
N ASP A 130 -16.93 -15.87 1.85
CA ASP A 130 -17.19 -17.26 2.24
C ASP A 130 -16.61 -18.23 1.23
N ALA A 131 -15.43 -17.93 0.71
CA ALA A 131 -14.77 -18.77 -0.27
C ALA A 131 -13.68 -19.61 0.40
N GLU A 132 -13.50 -20.82 -0.12
CA GLU A 132 -12.48 -21.70 0.41
C GLU A 132 -11.09 -21.12 0.14
N PRO A 133 -10.18 -21.17 1.11
CA PRO A 133 -8.81 -20.72 0.85
C PRO A 133 -8.12 -21.63 -0.16
N SER A 134 -7.29 -21.04 -0.99
CA SER A 134 -6.55 -21.80 -2.00
C SER A 134 -5.32 -22.44 -1.37
N THR A 135 -4.96 -23.61 -1.89
CA THR A 135 -3.72 -24.29 -1.54
C THR A 135 -2.76 -24.17 -2.71
N LEU A 136 -1.66 -23.46 -2.51
CA LEU A 136 -0.72 -23.10 -3.57
C LEU A 136 0.68 -23.61 -3.23
N THR A 137 1.27 -24.33 -4.17
CA THR A 137 2.66 -24.75 -4.02
C THR A 137 3.58 -23.54 -3.95
N VAL A 138 4.76 -23.74 -3.36
CA VAL A 138 5.74 -22.66 -3.30
C VAL A 138 6.16 -22.24 -4.71
N SER A 139 6.20 -23.19 -5.65
CA SER A 139 6.50 -22.84 -7.04
C SER A 139 5.43 -21.91 -7.62
N GLU A 140 4.17 -22.12 -7.23
CA GLU A 140 3.11 -21.24 -7.69
C GLU A 140 3.24 -19.85 -7.08
N ILE A 141 3.65 -19.78 -5.81
CA ILE A 141 3.86 -18.48 -5.17
C ILE A 141 4.99 -17.73 -5.88
N ALA A 142 6.09 -18.44 -6.17
CA ALA A 142 7.21 -17.80 -6.87
C ALA A 142 6.79 -17.29 -8.24
N THR A 143 6.04 -18.10 -8.98
CA THR A 143 5.57 -17.69 -10.30
C THR A 143 4.75 -16.41 -10.23
N ARG A 144 3.79 -16.36 -9.30
CA ARG A 144 2.98 -15.16 -9.17
C ARG A 144 3.81 -13.95 -8.79
N TYR A 145 4.85 -14.15 -7.98
CA TYR A 145 5.72 -13.04 -7.60
C TYR A 145 6.60 -12.60 -8.75
N LEU A 146 7.16 -13.55 -9.50
CA LEU A 146 8.00 -13.21 -10.64
C LEU A 146 7.21 -12.48 -11.72
N ARG A 147 5.92 -12.80 -11.87
CA ARG A 147 5.07 -12.05 -12.79
C ARG A 147 5.02 -10.58 -12.42
N ARG A 148 4.94 -10.27 -11.12
CA ARG A 148 4.89 -8.88 -10.69
C ARG A 148 6.22 -8.18 -10.91
N LEU A 149 7.34 -8.85 -10.57
CA LEU A 149 8.66 -8.27 -10.81
C LEU A 149 8.85 -7.95 -12.30
N VAL A 150 8.66 -8.94 -13.16
CA VAL A 150 8.77 -8.72 -14.60
C VAL A 150 7.75 -7.69 -15.05
N GLY A 151 6.55 -7.72 -14.48
CA GLY A 151 5.54 -6.75 -14.86
C GLY A 151 5.96 -5.33 -14.57
N ALA A 152 6.65 -5.11 -13.44
CA ALA A 152 7.16 -3.79 -13.12
C ALA A 152 8.29 -3.39 -14.06
N ALA A 153 9.16 -4.34 -14.41
CA ALA A 153 10.22 -4.04 -15.37
C ALA A 153 9.65 -3.72 -16.75
N SER A 154 8.60 -4.43 -17.16
CA SER A 154 8.01 -4.18 -18.47
C SER A 154 7.32 -2.82 -18.51
N GLU A 155 6.65 -2.44 -17.41
CA GLU A 155 5.98 -1.14 -17.37
C GLU A 155 7.00 0.00 -17.49
N TYR A 156 8.12 -0.11 -16.79
CA TYR A 156 9.13 0.94 -16.86
C TYR A 156 9.81 0.97 -18.23
N LEU A 157 10.05 -0.20 -18.83
CA LEU A 157 10.76 -0.25 -20.09
C LEU A 157 9.90 0.12 -21.27
N GLY A 158 8.57 0.06 -21.14
CA GLY A 158 7.69 0.23 -22.28
C GLY A 158 7.64 -0.95 -23.23
N LYS A 159 8.46 -1.97 -22.99
CA LYS A 159 8.47 -3.20 -23.77
C LYS A 159 8.16 -4.37 -22.85
N LYS A 160 7.71 -5.48 -23.43
CA LYS A 160 7.46 -6.69 -22.66
C LYS A 160 8.77 -7.43 -22.44
N VAL A 161 9.15 -7.60 -21.17
CA VAL A 161 10.35 -8.36 -20.83
C VAL A 161 10.09 -9.83 -21.14
N THR A 162 11.04 -10.45 -21.83
CA THR A 162 10.92 -11.85 -22.24
C THR A 162 11.93 -12.77 -21.60
N SER A 163 13.13 -12.30 -21.31
CA SER A 163 14.21 -13.15 -20.82
C SER A 163 14.90 -12.45 -19.66
N ALA A 164 15.70 -13.22 -18.93
CA ALA A 164 16.39 -12.66 -17.76
C ALA A 164 17.54 -13.57 -17.33
N VAL A 165 18.53 -12.95 -16.69
CA VAL A 165 19.55 -13.67 -15.93
C VAL A 165 19.25 -13.45 -14.45
N ILE A 166 19.22 -14.54 -13.69
CA ILE A 166 18.86 -14.51 -12.28
C ILE A 166 20.04 -15.01 -11.46
N THR A 167 20.33 -14.30 -10.36
CA THR A 167 21.38 -14.73 -9.47
C THR A 167 20.86 -15.76 -8.47
N ILE A 168 21.74 -16.65 -8.02
CA ILE A 168 21.39 -17.68 -7.06
C ILE A 168 22.56 -17.87 -6.10
N PRO A 169 22.28 -18.35 -4.88
CA PRO A 169 23.37 -18.67 -3.96
C PRO A 169 24.19 -19.85 -4.46
N THR A 170 25.41 -19.96 -3.93
CA THR A 170 26.33 -20.99 -4.38
C THR A 170 25.96 -22.39 -3.86
N ASN A 171 25.05 -22.49 -2.89
CA ASN A 171 24.59 -23.78 -2.39
C ASN A 171 23.17 -24.09 -2.82
N PHE A 172 22.74 -23.49 -3.93
CA PHE A 172 21.47 -23.85 -4.56
C PHE A 172 21.60 -25.24 -5.17
N THR A 173 20.73 -26.17 -4.76
CA THR A 173 20.79 -27.51 -5.32
C THR A 173 20.28 -27.50 -6.76
N GLU A 174 20.62 -28.58 -7.49
CA GLU A 174 20.12 -28.71 -8.86
C GLU A 174 18.60 -28.78 -8.88
N LYS A 175 18.00 -29.44 -7.88
CA LYS A 175 16.54 -29.48 -7.80
C LYS A 175 15.97 -28.07 -7.60
N GLN A 176 16.67 -27.23 -6.86
CA GLN A 176 16.22 -25.85 -6.69
C GLN A 176 16.39 -25.05 -7.98
N LYS A 177 17.49 -25.28 -8.70
CA LYS A 177 17.69 -24.58 -9.96
C LYS A 177 16.58 -24.88 -10.94
N ALA A 178 16.18 -26.15 -11.05
CA ALA A 178 15.09 -26.51 -11.95
C ALA A 178 13.78 -25.84 -11.52
N ALA A 179 13.50 -25.85 -10.23
CA ALA A 179 12.25 -25.26 -9.74
C ALA A 179 12.18 -23.77 -10.06
N LEU A 180 13.31 -23.06 -9.87
CA LEU A 180 13.34 -21.64 -10.19
C LEU A 180 13.13 -21.39 -11.68
N ILE A 181 13.79 -22.20 -12.53
CA ILE A 181 13.61 -22.06 -13.96
C ILE A 181 12.18 -22.43 -14.36
N ALA A 182 11.61 -23.45 -13.71
CA ALA A 182 10.23 -23.83 -14.03
C ALA A 182 9.24 -22.78 -13.54
N ALA A 183 9.48 -22.21 -12.36
CA ALA A 183 8.62 -21.14 -11.87
C ALA A 183 8.64 -19.94 -12.80
N ALA A 184 9.84 -19.56 -13.25
CA ALA A 184 9.96 -18.43 -14.18
C ALA A 184 9.27 -18.72 -15.50
N ALA A 185 9.41 -19.95 -16.00
CA ALA A 185 8.74 -20.32 -17.25
C ALA A 185 7.23 -20.21 -17.11
N ALA A 186 6.68 -20.61 -15.96
CA ALA A 186 5.25 -20.44 -15.72
C ALA A 186 4.85 -18.97 -15.66
N ALA A 187 5.79 -18.08 -15.36
CA ALA A 187 5.57 -16.64 -15.42
C ALA A 187 5.88 -16.05 -16.80
N ASP A 188 5.97 -16.91 -17.82
CA ASP A 188 6.26 -16.48 -19.21
C ASP A 188 7.60 -15.76 -19.30
N LEU A 189 8.56 -16.17 -18.49
CA LEU A 189 9.89 -15.56 -18.43
C LEU A 189 10.94 -16.61 -18.78
N GLU A 190 11.73 -16.34 -19.81
CA GLU A 190 12.81 -17.23 -20.20
C GLU A 190 14.06 -16.93 -19.37
N VAL A 191 14.60 -17.95 -18.72
CA VAL A 191 15.83 -17.80 -17.95
C VAL A 191 17.01 -18.12 -18.87
N LEU A 192 17.78 -17.10 -19.22
CA LEU A 192 18.94 -17.31 -20.08
C LEU A 192 20.04 -18.05 -19.33
N GLN A 193 20.29 -17.66 -18.08
CA GLN A 193 21.37 -18.26 -17.31
C GLN A 193 21.16 -17.97 -15.83
N LEU A 194 21.59 -18.90 -15.00
CA LEU A 194 21.71 -18.70 -13.56
C LEU A 194 23.18 -18.51 -13.21
N ILE A 195 23.48 -17.40 -12.52
CA ILE A 195 24.84 -17.12 -12.08
C ILE A 195 24.84 -16.94 -10.56
N SER A 196 26.00 -17.19 -9.97
CA SER A 196 26.12 -17.11 -8.52
C SER A 196 26.03 -15.65 -8.06
N GLU A 197 25.46 -15.47 -6.87
CA GLU A 197 25.35 -14.13 -6.28
C GLU A 197 26.71 -13.46 -6.07
N PRO A 198 27.76 -14.15 -5.59
CA PRO A 198 29.06 -13.46 -5.47
C PRO A 198 29.66 -13.03 -6.81
N ALA A 199 29.60 -13.89 -7.83
CA ALA A 199 30.18 -13.53 -9.13
C ALA A 199 29.49 -12.33 -9.74
N ALA A 200 28.18 -12.18 -9.52
CA ALA A 200 27.46 -11.01 -9.99
C ALA A 200 27.96 -9.75 -9.29
N ALA A 201 28.22 -9.84 -7.98
CA ALA A 201 28.73 -8.70 -7.25
C ALA A 201 30.09 -8.27 -7.78
N VAL A 202 30.94 -9.24 -8.13
CA VAL A 202 32.24 -8.91 -8.71
C VAL A 202 32.06 -8.26 -10.07
N LEU A 203 31.16 -8.81 -10.90
CA LEU A 203 30.94 -8.26 -12.23
C LEU A 203 30.41 -6.83 -12.17
N ALA A 204 29.59 -6.52 -11.16
CA ALA A 204 29.06 -5.15 -11.02
C ALA A 204 30.18 -4.12 -10.94
N TYR A 205 31.33 -4.50 -10.36
CA TYR A 205 32.48 -3.61 -10.29
C TYR A 205 33.37 -3.75 -11.53
N ASP A 206 33.71 -4.99 -11.91
CA ASP A 206 34.66 -5.21 -12.99
C ASP A 206 34.13 -4.73 -14.33
N ALA A 207 32.82 -4.76 -14.54
CA ALA A 207 32.23 -4.37 -15.81
C ALA A 207 31.96 -2.87 -15.92
N ARG A 208 32.43 -2.07 -14.96
CA ARG A 208 32.32 -0.63 -15.06
C ARG A 208 33.37 -0.09 -16.03
N PRO A 209 33.12 1.08 -16.62
CA PRO A 209 34.14 1.66 -17.52
C PRO A 209 35.47 1.95 -16.85
N GLU A 210 35.45 2.53 -15.64
CA GLU A 210 36.68 2.93 -14.96
C GLU A 210 37.41 1.76 -14.30
N ALA A 211 36.87 0.56 -14.36
CA ALA A 211 37.50 -0.58 -13.72
C ALA A 211 38.76 -1.01 -14.46
N THR A 212 39.72 -1.51 -13.69
CA THR A 212 40.98 -2.03 -14.23
C THR A 212 41.07 -3.51 -13.90
N ILE A 213 41.24 -4.34 -14.93
CA ILE A 213 41.38 -5.77 -14.70
C ILE A 213 42.81 -6.05 -14.25
N SER A 214 42.95 -6.86 -13.21
CA SER A 214 44.23 -7.21 -12.62
C SER A 214 44.00 -8.37 -11.67
N ASP A 215 45.07 -9.11 -11.39
CA ASP A 215 44.96 -10.28 -10.53
C ASP A 215 44.67 -9.86 -9.09
N LYS A 216 43.53 -10.29 -8.56
CA LYS A 216 43.15 -9.98 -7.19
C LYS A 216 42.54 -11.20 -6.52
N ILE A 217 42.85 -11.38 -5.25
CA ILE A 217 42.09 -12.29 -4.38
C ILE A 217 40.97 -11.47 -3.76
N ILE A 218 39.73 -11.83 -4.07
CA ILE A 218 38.56 -11.03 -3.73
C ILE A 218 37.71 -11.79 -2.73
N VAL A 219 37.34 -11.13 -1.64
CA VAL A 219 36.38 -11.64 -0.66
C VAL A 219 35.08 -10.90 -0.85
N VAL A 220 34.00 -11.63 -1.13
CA VAL A 220 32.67 -11.05 -1.25
C VAL A 220 31.91 -11.38 0.02
N ALA A 221 31.53 -10.35 0.77
CA ALA A 221 30.78 -10.49 2.02
C ALA A 221 29.34 -10.10 1.74
N ASP A 222 28.49 -11.09 1.54
CA ASP A 222 27.08 -10.86 1.23
C ASP A 222 26.29 -10.95 2.53
N LEU A 223 25.97 -9.79 3.10
CA LEU A 223 25.30 -9.70 4.40
C LEU A 223 23.83 -9.37 4.14
N GLY A 224 22.98 -10.38 4.28
CA GLY A 224 21.57 -10.24 3.91
C GLY A 224 20.64 -10.10 5.09
N GLY A 225 19.38 -10.51 4.89
CA GLY A 225 18.37 -10.42 5.93
C GLY A 225 18.25 -11.70 6.74
N SER A 226 18.00 -12.82 6.06
CA SER A 226 17.86 -14.10 6.72
C SER A 226 19.10 -14.99 6.59
N ARG A 227 20.10 -14.56 5.83
CA ARG A 227 21.32 -15.35 5.68
C ARG A 227 22.48 -14.43 5.36
N SER A 228 23.69 -14.96 5.55
CA SER A 228 24.92 -14.27 5.19
C SER A 228 25.85 -15.25 4.50
N ASP A 229 26.41 -14.84 3.36
CA ASP A 229 27.30 -15.69 2.57
C ASP A 229 28.58 -14.93 2.29
N VAL A 230 29.71 -15.55 2.60
CA VAL A 230 31.03 -14.97 2.32
C VAL A 230 31.75 -15.90 1.35
N THR A 231 32.25 -15.33 0.26
CA THR A 231 32.87 -16.10 -0.81
C THR A 231 34.25 -15.53 -1.12
N VAL A 232 35.24 -16.41 -1.24
CA VAL A 232 36.61 -16.03 -1.58
C VAL A 232 36.87 -16.47 -3.01
N LEU A 233 37.27 -15.52 -3.86
CA LEU A 233 37.47 -15.80 -5.28
C LEU A 233 38.87 -15.37 -5.70
N ALA A 234 39.44 -16.13 -6.62
CA ALA A 234 40.66 -15.74 -7.32
C ALA A 234 40.25 -15.16 -8.67
N SER A 235 40.66 -13.92 -8.92
CA SER A 235 40.28 -13.19 -10.13
C SER A 235 41.54 -12.98 -10.96
N ARG A 236 41.70 -13.77 -12.02
CA ARG A 236 42.81 -13.64 -12.94
C ARG A 236 42.27 -13.49 -14.36
N SER A 237 42.88 -12.59 -15.13
CA SER A 237 42.54 -12.42 -16.54
C SER A 237 41.06 -12.09 -16.74
N GLY A 238 40.47 -11.39 -15.77
CA GLY A 238 39.06 -11.06 -15.85
C GLY A 238 38.12 -12.22 -15.68
N MET A 239 38.58 -13.32 -15.08
CA MET A 239 37.77 -14.51 -14.84
C MET A 239 37.89 -14.91 -13.39
N TYR A 240 36.80 -15.41 -12.83
CA TYR A 240 36.68 -15.64 -11.39
C TYR A 240 36.60 -17.12 -11.09
N THR A 241 37.32 -17.55 -10.05
CA THR A 241 37.28 -18.93 -9.56
C THR A 241 37.01 -18.89 -8.07
N ILE A 242 35.95 -19.56 -7.64
CA ILE A 242 35.60 -19.59 -6.21
C ILE A 242 36.53 -20.55 -5.49
N LEU A 243 37.23 -20.04 -4.48
CA LEU A 243 38.16 -20.86 -3.70
C LEU A 243 37.49 -21.44 -2.45
N ALA A 244 36.58 -20.70 -1.85
CA ALA A 244 35.90 -21.16 -0.64
C ALA A 244 34.61 -20.37 -0.48
N THR A 245 33.73 -20.89 0.38
CA THR A 245 32.46 -20.24 0.65
C THR A 245 31.94 -20.72 2.00
N VAL A 246 31.35 -19.80 2.76
CA VAL A 246 30.73 -20.13 4.04
C VAL A 246 29.33 -19.53 4.05
N HIS A 247 28.43 -20.22 4.73
CA HIS A 247 27.04 -19.79 4.86
C HIS A 247 26.69 -19.72 6.34
N ASP A 248 25.82 -18.76 6.69
CA ASP A 248 25.40 -18.59 8.08
C ASP A 248 23.97 -18.09 8.11
N TYR A 249 23.15 -18.70 8.96
CA TYR A 249 21.75 -18.35 9.10
C TYR A 249 21.42 -17.79 10.48
N GLU A 250 22.43 -17.48 11.28
CA GLU A 250 22.26 -16.91 12.61
C GLU A 250 22.62 -15.43 12.67
N TYR A 251 23.68 -15.02 11.98
CA TYR A 251 24.14 -13.64 11.96
C TYR A 251 23.74 -13.00 10.64
N HIS A 252 22.85 -12.01 10.70
CA HIS A 252 22.26 -11.41 9.52
C HIS A 252 21.47 -10.18 9.97
N GLY A 253 20.80 -9.54 9.01
CA GLY A 253 20.04 -8.33 9.32
C GLY A 253 18.86 -8.56 10.24
N ILE A 254 18.24 -9.75 10.15
CA ILE A 254 17.14 -10.08 11.06
C ILE A 254 17.63 -10.11 12.50
N ALA A 255 18.83 -10.67 12.73
CA ALA A 255 19.41 -10.65 14.07
C ALA A 255 19.66 -9.22 14.55
N LEU A 256 19.98 -8.31 13.63
CA LEU A 256 20.14 -6.90 14.00
C LEU A 256 18.79 -6.28 14.36
N ASP A 257 17.73 -6.64 13.65
CA ASP A 257 16.39 -6.20 14.03
C ASP A 257 16.05 -6.64 15.44
N LYS A 258 16.54 -7.81 15.85
CA LYS A 258 16.17 -8.35 17.16
C LYS A 258 16.79 -7.55 18.29
N VAL A 259 18.04 -7.08 18.12
CA VAL A 259 18.67 -6.32 19.20
C VAL A 259 17.97 -4.99 19.40
N LEU A 260 17.36 -4.44 18.35
CA LEU A 260 16.57 -3.21 18.48
C LEU A 260 15.19 -3.51 19.07
N ILE A 261 14.58 -4.63 18.66
CA ILE A 261 13.31 -5.04 19.22
C ILE A 261 13.43 -5.25 20.73
N ASP A 262 14.50 -5.93 21.15
CA ASP A 262 14.71 -6.17 22.58
C ASP A 262 15.03 -4.87 23.30
N HIS A 263 15.78 -3.97 22.65
CA HIS A 263 16.19 -2.73 23.31
C HIS A 263 14.99 -1.84 23.61
N PHE A 264 14.11 -1.65 22.63
CA PHE A 264 12.99 -0.73 22.83
C PHE A 264 11.84 -1.37 23.60
N SER A 265 11.71 -2.70 23.56
CA SER A 265 10.67 -3.35 24.36
C SER A 265 10.97 -3.23 25.85
N LYS A 266 12.23 -3.39 26.22
CA LYS A 266 12.60 -3.20 27.63
C LYS A 266 12.43 -1.74 28.06
N GLU A 267 12.65 -0.80 27.15
CA GLU A 267 12.33 0.59 27.45
C GLU A 267 10.84 0.79 27.59
N PHE A 268 10.05 0.12 26.75
CA PHE A 268 8.59 0.19 26.87
C PHE A 268 8.13 -0.35 28.22
N LEU A 269 8.65 -1.52 28.61
CA LEU A 269 8.23 -2.12 29.86
C LEU A 269 8.68 -1.31 31.07
N LYS A 270 9.80 -0.60 30.96
CA LYS A 270 10.23 0.27 32.05
C LYS A 270 9.39 1.53 32.12
N LYS A 271 9.05 2.09 30.96
CA LYS A 271 8.23 3.31 30.93
C LYS A 271 6.79 3.04 31.35
N ASN A 272 6.31 1.81 31.17
CA ASN A 272 4.93 1.45 31.47
C ASN A 272 4.92 0.21 32.36
N PRO A 273 5.10 0.39 33.67
CA PRO A 273 5.12 -0.76 34.57
C PRO A 273 3.76 -1.45 34.63
N GLY A 274 3.79 -2.78 34.64
CA GLY A 274 2.58 -3.57 34.66
C GLY A 274 2.01 -3.91 33.30
N ALA A 275 2.45 -3.23 32.24
CA ALA A 275 1.94 -3.50 30.91
C ALA A 275 2.48 -4.83 30.39
N LYS A 276 1.87 -5.32 29.32
CA LYS A 276 2.27 -6.60 28.75
C LYS A 276 3.43 -6.44 27.80
N ASP A 277 4.26 -7.48 27.72
CA ASP A 277 5.43 -7.47 26.87
C ASP A 277 5.01 -7.50 25.41
N PRO A 278 5.38 -6.51 24.60
CA PRO A 278 4.94 -6.51 23.18
C PRO A 278 5.49 -7.68 22.37
N ARG A 279 6.57 -8.32 22.81
CA ARG A 279 7.10 -9.48 22.08
C ARG A 279 6.20 -10.70 22.20
N GLU A 280 5.32 -10.74 23.20
CA GLU A 280 4.44 -11.88 23.40
C GLU A 280 3.16 -11.80 22.58
N ASN A 281 2.82 -10.63 22.06
CA ASN A 281 1.63 -10.47 21.24
C ASN A 281 2.04 -10.44 19.78
N PRO A 282 1.52 -11.34 18.93
CA PRO A 282 1.98 -11.38 17.53
C PRO A 282 1.72 -10.10 16.77
N ARG A 283 0.59 -9.43 17.03
CA ARG A 283 0.32 -8.16 16.36
C ARG A 283 1.32 -7.09 16.79
N SER A 284 1.60 -7.02 18.11
CA SER A 284 2.58 -6.04 18.60
C SER A 284 3.97 -6.34 18.06
N LEU A 285 4.35 -7.61 18.02
CA LEU A 285 5.69 -7.97 17.53
C LEU A 285 5.85 -7.63 16.05
N ALA A 286 4.79 -7.79 15.27
CA ALA A 286 4.86 -7.43 13.85
C ALA A 286 5.10 -5.93 13.68
N LYS A 287 4.43 -5.11 14.48
CA LYS A 287 4.68 -3.67 14.44
C LYS A 287 6.11 -3.35 14.85
N LEU A 288 6.66 -4.11 15.79
CA LEU A 288 8.04 -3.87 16.25
C LEU A 288 9.04 -4.19 15.15
N ARG A 289 8.80 -5.25 14.37
CA ARG A 289 9.73 -5.61 13.30
C ARG A 289 9.80 -4.52 12.25
N LEU A 290 8.65 -4.02 11.80
CA LEU A 290 8.64 -3.01 10.75
C LEU A 290 9.35 -1.74 11.19
N GLU A 291 9.13 -1.33 12.45
CA GLU A 291 9.77 -0.12 12.95
C GLU A 291 11.24 -0.35 13.28
N ALA A 292 11.60 -1.53 13.78
CA ALA A 292 13.00 -1.79 14.10
C ALA A 292 13.86 -1.78 12.84
N GLU A 293 13.38 -2.39 11.77
CA GLU A 293 14.11 -2.36 10.51
C GLU A 293 14.22 -0.93 9.99
N SER A 294 13.15 -0.14 10.14
CA SER A 294 13.18 1.24 9.67
C SER A 294 14.15 2.08 10.49
N THR A 295 14.18 1.87 11.81
CA THR A 295 15.15 2.57 12.64
C THR A 295 16.56 2.12 12.31
N LYS A 296 16.74 0.83 12.00
CA LYS A 296 18.06 0.30 11.65
C LYS A 296 18.61 0.96 10.39
N ARG A 297 17.78 1.08 9.35
CA ARG A 297 18.23 1.70 8.11
C ARG A 297 18.56 3.18 8.33
N ALA A 298 17.80 3.86 9.18
CA ALA A 298 18.07 5.27 9.45
C ALA A 298 19.42 5.46 10.12
N LEU A 299 19.84 4.49 10.95
CA LEU A 299 21.15 4.54 11.58
C LEU A 299 22.30 4.32 10.60
N SER A 300 22.00 3.95 9.35
CA SER A 300 23.01 3.89 8.31
C SER A 300 23.15 5.20 7.56
N ARG A 301 22.17 6.09 7.65
CA ARG A 301 22.22 7.41 7.04
C ARG A 301 22.47 8.52 8.03
N SER A 302 22.14 8.33 9.31
CA SER A 302 22.30 9.35 10.33
C SER A 302 22.84 8.72 11.60
N THR A 303 23.34 9.58 12.50
CA THR A 303 23.84 9.14 13.79
C THR A 303 22.75 9.03 14.85
N ASN A 304 21.53 9.46 14.53
CA ASN A 304 20.39 9.38 15.44
C ASN A 304 19.16 8.99 14.66
N ALA A 305 18.35 8.11 15.25
CA ALA A 305 17.14 7.62 14.61
C ALA A 305 16.04 7.49 15.65
N SER A 306 14.81 7.76 15.23
CA SER A 306 13.66 7.68 16.10
C SER A 306 12.96 6.32 15.97
N PHE A 307 12.28 5.93 17.04
CA PHE A 307 11.54 4.67 17.09
C PHE A 307 10.22 4.93 17.79
N SER A 308 9.11 4.78 17.05
CA SER A 308 7.81 5.01 17.61
C SER A 308 6.79 4.07 16.97
N VAL A 309 5.84 3.61 17.78
CA VAL A 309 4.73 2.79 17.31
C VAL A 309 3.46 3.34 17.96
N GLU A 310 2.53 3.82 17.15
CA GLU A 310 1.22 4.25 17.65
C GLU A 310 0.43 3.02 18.09
N SER A 311 -0.02 3.01 19.34
CA SER A 311 -0.79 1.92 19.92
C SER A 311 -0.07 0.59 19.74
N LEU A 312 0.99 0.43 20.54
CA LEU A 312 1.80 -0.77 20.47
C LEU A 312 1.07 -1.98 21.07
N ILE A 313 0.58 -1.83 22.30
CA ILE A 313 -0.18 -2.89 22.96
C ILE A 313 -0.99 -2.23 24.07
N ASP A 314 -2.19 -2.76 24.32
CA ASP A 314 -3.09 -2.24 25.35
C ASP A 314 -3.38 -0.76 25.12
N GLY A 315 -3.44 -0.36 23.84
CA GLY A 315 -3.71 1.01 23.46
C GLY A 315 -2.62 2.00 23.81
N LEU A 316 -1.47 1.55 24.30
CA LEU A 316 -0.39 2.44 24.72
C LEU A 316 0.50 2.77 23.53
N ASP A 317 0.76 4.05 23.33
CA ASP A 317 1.74 4.48 22.34
C ASP A 317 3.14 4.33 22.91
N PHE A 318 4.13 4.36 22.02
CA PHE A 318 5.52 4.36 22.43
C PHE A 318 6.33 5.16 21.41
N ALA A 319 7.26 5.97 21.92
CA ALA A 319 8.13 6.78 21.09
C ALA A 319 9.46 6.93 21.82
N SER A 320 10.56 6.73 21.11
CA SER A 320 11.88 6.80 21.72
C SER A 320 12.90 7.09 20.62
N THR A 321 14.18 7.08 20.99
CA THR A 321 15.28 7.34 20.07
C THR A 321 16.45 6.43 20.43
N ILE A 322 17.45 6.43 19.54
CA ILE A 322 18.71 5.72 19.77
C ILE A 322 19.74 6.29 18.82
N ASN A 323 20.96 6.49 19.31
CA ASN A 323 22.03 6.97 18.46
C ASN A 323 22.89 5.81 17.98
N ARG A 324 23.63 6.05 16.89
CA ARG A 324 24.42 4.99 16.27
C ARG A 324 25.41 4.38 17.25
N LEU A 325 25.96 5.20 18.16
CA LEU A 325 26.92 4.68 19.12
C LEU A 325 26.29 3.65 20.04
N ARG A 326 25.09 3.92 20.56
CA ARG A 326 24.42 2.95 21.41
C ARG A 326 24.02 1.71 20.62
N TYR A 327 23.62 1.89 19.36
CA TYR A 327 23.23 0.75 18.53
C TYR A 327 24.40 -0.19 18.31
N GLU A 328 25.58 0.38 18.00
CA GLU A 328 26.76 -0.44 17.76
C GLU A 328 27.21 -1.19 19.01
N THR A 329 26.87 -0.69 20.20
CA THR A 329 27.25 -1.36 21.42
C THR A 329 26.36 -2.56 21.70
N ILE A 330 25.03 -2.39 21.58
CA ILE A 330 24.12 -3.48 21.86
C ILE A 330 24.12 -4.52 20.75
N ALA A 331 24.61 -4.18 19.56
CA ALA A 331 24.68 -5.10 18.43
C ALA A 331 26.08 -5.64 18.21
N ARG A 332 26.96 -5.51 19.20
CA ARG A 332 28.35 -5.92 19.02
C ARG A 332 28.47 -7.43 18.83
N THR A 333 27.62 -8.21 19.49
CA THR A 333 27.68 -9.66 19.36
C THR A 333 27.39 -10.10 17.93
N VAL A 334 26.40 -9.47 17.29
CA VAL A 334 26.11 -9.81 15.89
C VAL A 334 27.23 -9.34 14.98
N PHE A 335 27.83 -8.17 15.30
CA PHE A 335 28.91 -7.65 14.47
C PHE A 335 30.14 -8.55 14.51
N GLU A 336 30.47 -9.09 15.68
CA GLU A 336 31.57 -10.04 15.78
C GLU A 336 31.24 -11.37 15.09
N GLY A 337 29.96 -11.67 14.91
CA GLY A 337 29.60 -12.82 14.11
C GLY A 337 29.94 -12.61 12.64
N PHE A 338 29.77 -11.38 12.15
CA PHE A 338 30.18 -11.08 10.77
C PHE A 338 31.68 -11.16 10.61
N ASN A 339 32.44 -10.72 11.62
CA ASN A 339 33.89 -10.81 11.55
C ASN A 339 34.35 -12.26 11.49
N ARG A 340 33.81 -13.11 12.36
CA ARG A 340 34.20 -14.52 12.36
C ARG A 340 33.86 -15.20 11.05
N LEU A 341 32.75 -14.81 10.42
CA LEU A 341 32.40 -15.37 9.11
C LEU A 341 33.48 -15.08 8.08
N VAL A 342 33.95 -13.84 8.02
CA VAL A 342 34.94 -13.45 7.02
C VAL A 342 36.27 -14.11 7.30
N GLU A 343 36.67 -14.17 8.57
CA GLU A 343 37.90 -14.86 8.92
C GLU A 343 37.81 -16.35 8.61
N SER A 344 36.62 -16.93 8.79
CA SER A 344 36.44 -18.36 8.50
C SER A 344 36.62 -18.66 7.02
N ALA A 345 36.05 -17.83 6.16
CA ALA A 345 36.13 -18.07 4.72
C ALA A 345 37.56 -17.93 4.22
N VAL A 346 38.29 -16.90 4.69
CA VAL A 346 39.67 -16.73 4.29
C VAL A 346 40.52 -17.91 4.76
N LYS A 347 40.29 -18.36 6.00
CA LYS A 347 41.00 -19.53 6.49
C LYS A 347 40.59 -20.78 5.72
N LYS A 348 39.31 -20.88 5.34
CA LYS A 348 38.84 -22.06 4.62
C LYS A 348 39.50 -22.20 3.26
N ALA A 349 39.89 -21.08 2.64
CA ALA A 349 40.62 -21.09 1.38
C ALA A 349 42.13 -21.27 1.56
N GLY A 350 42.57 -21.57 2.78
CA GLY A 350 44.00 -21.69 3.03
C GLY A 350 44.76 -20.40 2.92
N LEU A 351 44.08 -19.27 3.02
CA LEU A 351 44.68 -17.95 2.86
C LEU A 351 44.74 -17.24 4.21
N ASP A 352 45.36 -16.07 4.20
CA ASP A 352 45.51 -15.16 5.32
C ASP A 352 44.94 -13.81 4.91
N PRO A 353 44.40 -13.03 5.84
CA PRO A 353 43.96 -11.68 5.49
C PRO A 353 44.99 -10.89 4.71
N LEU A 354 46.28 -11.17 4.90
CA LEU A 354 47.33 -10.52 4.12
C LEU A 354 47.32 -10.96 2.65
N ASP A 355 46.60 -12.03 2.32
CA ASP A 355 46.50 -12.50 0.95
C ASP A 355 45.35 -11.85 0.18
N VAL A 356 44.48 -11.12 0.85
CA VAL A 356 43.27 -10.57 0.24
C VAL A 356 43.56 -9.17 -0.29
N ASP A 357 43.10 -8.90 -1.51
CA ASP A 357 43.30 -7.63 -2.17
C ASP A 357 42.08 -6.72 -2.10
N GLU A 358 40.89 -7.26 -2.36
CA GLU A 358 39.64 -6.51 -2.28
C GLU A 358 38.66 -7.26 -1.39
N VAL A 359 37.90 -6.50 -0.60
CA VAL A 359 36.75 -7.03 0.13
C VAL A 359 35.52 -6.29 -0.38
N ILE A 360 34.70 -6.97 -1.16
CA ILE A 360 33.46 -6.40 -1.67
C ILE A 360 32.34 -6.72 -0.69
N MET A 361 31.68 -5.68 -0.20
CA MET A 361 30.58 -5.84 0.75
C MET A 361 29.26 -5.73 0.00
N SER A 362 28.45 -6.78 0.10
CA SER A 362 27.23 -6.92 -0.67
C SER A 362 26.07 -7.23 0.26
N GLY A 363 24.86 -6.99 -0.21
CA GLY A 363 23.67 -7.23 0.59
C GLY A 363 23.26 -6.02 1.39
N GLY A 364 21.99 -6.01 1.79
CA GLY A 364 21.43 -4.85 2.46
C GLY A 364 22.13 -4.52 3.77
N THR A 365 22.51 -5.55 4.52
CA THR A 365 23.18 -5.33 5.81
C THR A 365 24.56 -4.71 5.64
N SER A 366 25.18 -4.88 4.47
CA SER A 366 26.49 -4.28 4.21
C SER A 366 26.44 -2.76 4.14
N ASN A 367 25.27 -2.14 4.30
CA ASN A 367 25.18 -0.69 4.40
C ASN A 367 25.51 -0.17 5.80
N THR A 368 25.69 -1.06 6.77
CA THR A 368 26.00 -0.64 8.13
C THR A 368 27.41 -0.08 8.17
N PRO A 369 27.61 1.16 8.63
CA PRO A 369 28.96 1.74 8.63
C PRO A 369 29.93 1.02 9.54
N ARG A 370 29.46 0.47 10.66
CA ARG A 370 30.38 -0.16 11.62
C ARG A 370 30.94 -1.47 11.10
N ILE A 371 30.16 -2.22 10.32
CA ILE A 371 30.66 -3.48 9.77
C ILE A 371 31.83 -3.24 8.83
N ALA A 372 31.74 -2.18 8.02
CA ALA A 372 32.85 -1.83 7.12
C ALA A 372 34.08 -1.43 7.91
N ALA A 373 33.90 -0.65 8.98
CA ALA A 373 35.05 -0.26 9.81
C ALA A 373 35.66 -1.47 10.49
N ASN A 374 34.84 -2.46 10.87
CA ASN A 374 35.39 -3.67 11.48
C ASN A 374 36.22 -4.47 10.50
N PHE A 375 35.74 -4.60 9.25
CA PHE A 375 36.51 -5.34 8.26
C PHE A 375 37.81 -4.63 7.91
N ARG A 376 37.82 -3.29 8.00
CA ARG A 376 39.07 -2.56 7.79
C ARG A 376 40.11 -2.92 8.83
N TYR A 377 39.68 -3.23 10.06
CA TYR A 377 40.60 -3.63 11.11
C TYR A 377 41.09 -5.07 10.92
N ILE A 378 40.29 -5.91 10.26
CA ILE A 378 40.69 -7.31 10.06
C ILE A 378 41.79 -7.41 9.02
N PHE A 379 41.69 -6.63 7.94
CA PHE A 379 42.59 -6.71 6.80
C PHE A 379 43.60 -5.58 6.84
N PRO A 380 44.79 -5.80 6.27
CA PRO A 380 45.79 -4.72 6.19
C PRO A 380 45.28 -3.55 5.35
N GLU A 381 45.98 -2.42 5.48
CA GLU A 381 45.58 -1.22 4.76
C GLU A 381 45.74 -1.36 3.25
N SER A 382 46.60 -2.28 2.79
CA SER A 382 46.70 -2.53 1.36
C SER A 382 45.44 -3.14 0.78
N THR A 383 44.62 -3.78 1.61
CA THR A 383 43.35 -4.32 1.15
C THR A 383 42.34 -3.21 0.96
N ARG A 384 41.62 -3.23 -0.16
CA ARG A 384 40.59 -2.25 -0.44
C ARG A 384 39.25 -2.76 0.06
N ILE A 385 38.61 -1.99 0.93
CA ILE A 385 37.28 -2.32 1.46
C ILE A 385 36.26 -1.57 0.62
N LEU A 386 35.54 -2.29 -0.23
CA LEU A 386 34.56 -1.68 -1.13
C LEU A 386 33.22 -1.56 -0.40
N ALA A 387 33.08 -0.47 0.33
CA ALA A 387 31.86 -0.13 1.05
C ALA A 387 31.65 1.37 0.95
N PRO A 388 30.40 1.83 1.02
CA PRO A 388 30.14 3.27 0.85
C PRO A 388 30.93 4.16 1.79
N SER A 389 31.18 3.73 3.01
CA SER A 389 31.86 4.56 4.00
C SER A 389 33.37 4.37 4.01
N THR A 390 33.91 3.39 3.28
CA THR A 390 35.34 3.13 3.29
C THR A 390 36.00 3.29 1.93
N ASP A 391 35.25 3.59 0.87
CA ASP A 391 35.85 3.77 -0.44
C ASP A 391 35.02 4.75 -1.25
N PRO A 392 35.66 5.72 -1.90
CA PRO A 392 34.88 6.71 -2.67
C PRO A 392 34.22 6.13 -3.91
N SER A 393 34.79 5.09 -4.51
CA SER A 393 34.28 4.51 -5.74
C SER A 393 33.31 3.35 -5.51
N ALA A 394 32.79 3.20 -4.30
CA ALA A 394 31.94 2.06 -3.99
C ALA A 394 30.54 2.25 -4.57
N LEU A 395 29.85 1.13 -4.75
CA LEU A 395 28.47 1.09 -5.20
C LEU A 395 27.56 0.72 -4.04
N ASN A 396 26.27 0.99 -4.22
CA ASN A 396 25.28 0.61 -3.23
C ASN A 396 25.32 -0.90 -3.01
N PRO A 397 25.57 -1.39 -1.80
CA PRO A 397 25.67 -2.84 -1.58
C PRO A 397 24.39 -3.59 -1.93
N SER A 398 23.24 -2.93 -1.97
CA SER A 398 21.98 -3.60 -2.29
C SER A 398 21.75 -3.73 -3.79
N GLU A 399 22.57 -3.08 -4.62
CA GLU A 399 22.39 -3.10 -6.06
C GLU A 399 23.38 -4.00 -6.80
N LEU A 400 24.37 -4.55 -6.11
CA LEU A 400 25.47 -5.25 -6.80
C LEU A 400 24.97 -6.46 -7.56
N GLN A 401 24.15 -7.29 -6.91
CA GLN A 401 23.70 -8.53 -7.54
C GLN A 401 22.81 -8.25 -8.75
N ALA A 402 21.89 -7.29 -8.63
CA ALA A 402 21.02 -6.96 -9.75
C ALA A 402 21.81 -6.31 -10.90
N ARG A 403 22.83 -5.54 -10.58
CA ARG A 403 23.66 -4.94 -11.62
C ARG A 403 24.45 -6.00 -12.37
N GLY A 404 25.02 -6.96 -11.65
CA GLY A 404 25.78 -8.01 -12.30
C GLY A 404 24.92 -8.89 -13.19
N ALA A 405 23.69 -9.18 -12.74
CA ALA A 405 22.78 -9.98 -13.54
C ALA A 405 22.40 -9.25 -14.83
N ALA A 406 22.15 -7.94 -14.72
CA ALA A 406 21.83 -7.16 -15.92
C ALA A 406 23.03 -7.07 -16.86
N LEU A 407 24.24 -6.96 -16.31
CA LEU A 407 25.43 -6.91 -17.14
C LEU A 407 25.66 -8.25 -17.86
N GLN A 408 25.45 -9.36 -17.16
CA GLN A 408 25.57 -10.67 -17.79
C GLN A 408 24.47 -10.88 -18.82
N ALA A 409 23.25 -10.41 -18.52
CA ALA A 409 22.13 -10.59 -19.46
C ALA A 409 22.39 -9.85 -20.77
N SER A 410 22.95 -8.64 -20.68
CA SER A 410 23.22 -7.86 -21.89
C SER A 410 24.33 -8.48 -22.73
N LEU A 411 25.23 -9.25 -22.11
CA LEU A 411 26.32 -9.87 -22.84
C LEU A 411 25.86 -11.07 -23.66
N ILE A 412 24.84 -11.80 -23.18
CA ILE A 412 24.44 -13.06 -23.78
C ILE A 412 23.06 -12.97 -24.42
N GLN A 413 22.50 -11.75 -24.56
CA GLN A 413 21.14 -11.63 -25.06
C GLN A 413 21.01 -12.02 -26.53
N GLU A 414 22.11 -12.02 -27.28
CA GLU A 414 22.09 -12.43 -28.67
C GLU A 414 22.47 -13.90 -28.87
N PHE A 415 22.94 -14.56 -27.81
CA PHE A 415 23.34 -15.96 -27.93
C PHE A 415 22.12 -16.85 -28.14
N GLU A 416 22.33 -17.95 -28.86
CA GLU A 416 21.32 -19.00 -28.93
C GLU A 416 21.28 -19.76 -27.61
N THR A 417 20.12 -20.34 -27.31
CA THR A 417 19.98 -21.13 -26.09
C THR A 417 20.98 -22.28 -26.04
N GLU A 418 21.31 -22.85 -27.19
CA GLU A 418 22.29 -23.93 -27.24
C GLU A 418 23.69 -23.44 -26.90
N ASP A 419 24.04 -22.23 -27.35
CA ASP A 419 25.37 -21.69 -27.10
C ASP A 419 25.58 -21.41 -25.61
N ILE A 420 24.55 -20.88 -24.94
CA ILE A 420 24.67 -20.57 -23.52
C ILE A 420 24.85 -21.84 -22.71
N GLU A 421 24.10 -22.90 -23.05
CA GLU A 421 24.20 -24.16 -22.31
C GLU A 421 25.59 -24.76 -22.46
N GLN A 422 26.13 -24.76 -23.67
CA GLN A 422 27.47 -25.32 -23.89
C GLN A 422 28.53 -24.50 -23.16
N SER A 423 28.35 -23.18 -23.11
CA SER A 423 29.33 -22.32 -22.44
C SER A 423 29.44 -22.60 -20.95
N THR A 424 28.49 -23.34 -20.38
CA THR A 424 28.49 -23.63 -18.95
C THR A 424 28.85 -25.07 -18.62
N HIS A 425 29.07 -25.92 -19.62
CA HIS A 425 29.42 -27.31 -19.36
C HIS A 425 30.83 -27.41 -18.79
N ALA A 426 31.10 -28.55 -18.14
CA ALA A 426 32.35 -28.71 -17.42
C ALA A 426 33.56 -28.63 -18.35
N ALA A 427 33.39 -28.99 -19.62
CA ALA A 427 34.51 -28.90 -20.57
C ALA A 427 34.98 -27.47 -20.77
N VAL A 428 34.11 -26.48 -20.54
CA VAL A 428 34.46 -25.08 -20.73
C VAL A 428 34.88 -24.42 -19.41
N THR A 429 34.18 -24.74 -18.31
CA THR A 429 34.44 -24.06 -17.05
C THR A 429 35.66 -24.60 -16.33
N THR A 430 35.96 -25.89 -16.51
CA THR A 430 37.04 -26.53 -15.77
C THR A 430 38.33 -26.51 -16.58
N MET A 431 39.42 -26.08 -15.93
CA MET A 431 40.74 -26.05 -16.55
C MET A 431 41.77 -25.99 -15.43
N PRO A 432 43.01 -26.45 -15.70
CA PRO A 432 44.02 -26.47 -14.63
C PRO A 432 44.38 -25.07 -14.16
N HIS A 433 44.51 -24.93 -12.84
CA HIS A 433 44.98 -23.71 -12.20
C HIS A 433 46.37 -23.97 -11.63
N VAL A 434 47.33 -23.09 -11.97
CA VAL A 434 48.69 -23.25 -11.47
C VAL A 434 48.71 -22.99 -9.97
N THR A 435 49.23 -23.94 -9.21
CA THR A 435 49.21 -23.83 -7.75
C THR A 435 50.17 -22.75 -7.26
N ASN A 436 51.47 -22.95 -7.50
CA ASN A 436 52.46 -21.97 -7.09
C ASN A 436 52.53 -20.82 -8.08
N ALA A 437 53.31 -19.80 -7.73
CA ALA A 437 53.54 -18.68 -8.62
C ALA A 437 54.73 -18.96 -9.53
N ILE A 438 54.78 -18.25 -10.64
CA ILE A 438 55.91 -18.30 -11.57
C ILE A 438 56.48 -16.90 -11.67
N GLY A 439 57.75 -16.75 -11.31
CA GLY A 439 58.39 -15.44 -11.34
C GLY A 439 59.87 -15.49 -11.60
N VAL A 440 60.54 -14.35 -11.43
CA VAL A 440 61.96 -14.21 -11.71
C VAL A 440 62.66 -13.69 -10.46
N VAL A 441 63.93 -14.05 -10.31
CA VAL A 441 64.71 -13.70 -9.12
C VAL A 441 65.36 -12.35 -9.33
N SER A 442 65.18 -11.45 -8.36
CA SER A 442 65.86 -10.16 -8.32
C SER A 442 66.91 -10.17 -7.22
N VAL A 443 68.10 -9.68 -7.53
CA VAL A 443 69.16 -9.60 -6.54
C VAL A 443 69.71 -8.18 -6.52
N SER A 444 70.13 -7.76 -5.33
CA SER A 444 70.81 -6.49 -5.15
C SER A 444 72.09 -6.73 -4.36
N GLU A 445 73.06 -5.86 -4.57
CA GLU A 445 74.36 -6.00 -3.92
C GLU A 445 74.29 -5.52 -2.48
N LYS A 450 65.32 -11.34 -4.00
CA LYS A 450 63.87 -11.13 -3.90
C LYS A 450 63.13 -11.74 -5.08
N PHE A 451 61.98 -12.34 -4.81
CA PHE A 451 61.16 -12.97 -5.84
C PHE A 451 60.15 -11.99 -6.39
N VAL A 452 60.15 -11.82 -7.71
CA VAL A 452 59.21 -10.94 -8.39
C VAL A 452 58.14 -11.83 -9.05
N PRO A 453 56.88 -11.78 -8.61
CA PRO A 453 55.87 -12.67 -9.20
C PRO A 453 55.41 -12.18 -10.56
N ILE A 454 55.34 -13.10 -11.52
CA ILE A 454 54.82 -12.83 -12.85
C ILE A 454 53.47 -13.51 -13.05
N ILE A 455 53.41 -14.83 -12.88
CA ILE A 455 52.17 -15.58 -12.90
C ILE A 455 51.72 -15.77 -11.46
N ALA A 456 50.56 -15.23 -11.11
CA ALA A 456 50.05 -15.32 -9.76
C ALA A 456 49.63 -16.76 -9.44
N PRO A 457 49.61 -17.13 -8.17
CA PRO A 457 49.09 -18.44 -7.79
C PRO A 457 47.61 -18.57 -8.14
N GLU A 458 47.20 -19.80 -8.42
CA GLU A 458 45.81 -20.12 -8.79
C GLU A 458 45.37 -19.34 -10.01
N THR A 459 46.20 -19.37 -11.04
CA THR A 459 45.90 -18.75 -12.32
C THR A 459 45.46 -19.83 -13.30
N ALA A 460 44.25 -19.70 -13.83
CA ALA A 460 43.77 -20.64 -14.82
C ALA A 460 44.53 -20.46 -16.13
N VAL A 461 44.92 -21.58 -16.74
CA VAL A 461 45.69 -21.56 -17.97
C VAL A 461 44.77 -21.87 -19.14
N PRO A 462 45.03 -21.35 -20.36
CA PRO A 462 46.17 -20.51 -20.76
C PRO A 462 46.17 -19.12 -20.12
N ALA A 463 47.37 -18.60 -19.85
CA ALA A 463 47.52 -17.28 -19.26
C ALA A 463 48.89 -16.74 -19.63
N ARG A 464 48.99 -15.41 -19.68
CA ARG A 464 50.24 -14.74 -20.05
C ARG A 464 50.35 -13.46 -19.23
N ARG A 465 51.52 -13.23 -18.65
CA ARG A 465 51.79 -12.01 -17.90
C ARG A 465 53.17 -11.50 -18.29
N THR A 466 53.40 -10.21 -18.01
CA THR A 466 54.63 -9.54 -18.40
C THR A 466 55.00 -8.51 -17.35
N VAL A 467 56.29 -8.46 -17.01
CA VAL A 467 56.79 -7.49 -16.05
C VAL A 467 58.01 -6.79 -16.65
N HIS A 468 58.26 -5.57 -16.18
CA HIS A 468 59.46 -4.81 -16.54
C HIS A 468 60.31 -4.63 -15.29
N LEU A 469 61.53 -5.15 -15.33
CA LEU A 469 62.45 -5.07 -14.20
C LEU A 469 63.60 -4.13 -14.52
N ASP A 470 64.26 -3.67 -13.46
CA ASP A 470 65.43 -2.81 -13.61
C ASP A 470 66.64 -3.65 -13.99
N ALA A 471 67.49 -3.09 -14.84
CA ALA A 471 68.76 -3.70 -15.15
C ALA A 471 69.75 -3.44 -14.03
N PRO A 472 70.88 -4.17 -14.00
CA PRO A 472 71.93 -3.86 -13.00
C PRO A 472 72.44 -2.43 -13.11
N LYS A 473 73.36 -2.07 -12.20
CA LYS A 473 73.84 -0.69 -12.11
C LYS A 473 74.35 -0.18 -13.45
N GLU A 474 75.17 -0.98 -14.14
CA GLU A 474 75.56 -0.71 -15.52
C GLU A 474 74.95 -1.68 -16.51
N GLY A 475 74.62 -2.90 -16.09
CA GLY A 475 73.89 -3.82 -16.93
C GLY A 475 74.77 -4.82 -17.66
N GLY A 476 74.76 -4.75 -18.98
CA GLY A 476 75.48 -5.74 -19.77
C GLY A 476 74.76 -7.06 -19.75
N ASP A 477 75.51 -8.15 -19.65
CA ASP A 477 74.92 -9.46 -19.51
C ASP A 477 74.14 -9.56 -18.21
N VAL A 478 72.90 -10.02 -18.31
CA VAL A 478 71.99 -10.06 -17.17
C VAL A 478 71.27 -11.41 -17.16
N LEU A 479 71.05 -11.95 -15.97
CA LEU A 479 70.50 -13.29 -15.80
C LEU A 479 69.02 -13.21 -15.48
N VAL A 480 68.20 -13.86 -16.31
CA VAL A 480 66.77 -13.99 -16.06
C VAL A 480 66.55 -15.41 -15.55
N LYS A 481 66.36 -15.54 -14.24
CA LYS A 481 66.18 -16.84 -13.61
C LYS A 481 64.70 -16.99 -13.24
N VAL A 482 63.99 -17.82 -13.99
CA VAL A 482 62.57 -18.07 -13.75
C VAL A 482 62.44 -19.20 -12.74
N VAL A 483 61.72 -18.94 -11.64
CA VAL A 483 61.56 -19.89 -10.55
C VAL A 483 60.09 -19.93 -10.12
N GLU A 484 59.78 -20.91 -9.28
CA GLU A 484 58.50 -21.00 -8.59
C GLU A 484 58.53 -20.18 -7.31
N GLY A 485 57.35 -19.77 -6.87
CA GLY A 485 57.23 -18.94 -5.68
C GLY A 485 56.03 -19.32 -4.84
N SER A 486 56.17 -19.12 -3.53
CA SER A 486 55.10 -19.36 -2.57
C SER A 486 55.09 -18.24 -1.54
N THR A 487 53.90 -17.90 -1.07
CA THR A 487 53.75 -16.88 -0.03
C THR A 487 53.85 -17.53 1.35
N HIS A 488 54.51 -16.82 2.26
CA HIS A 488 54.69 -17.27 3.64
C HIS A 488 54.49 -16.08 4.57
N ILE A 489 53.84 -16.32 5.70
CA ILE A 489 53.56 -15.28 6.69
C ILE A 489 54.59 -15.36 7.80
N ASN A 490 55.25 -14.24 8.08
CA ASN A 490 56.26 -14.16 9.14
C ASN A 490 55.74 -13.23 10.24
N VAL A 491 55.86 -13.68 11.48
CA VAL A 491 55.39 -12.90 12.62
C VAL A 491 56.47 -11.92 13.09
N ARG A 534 52.61 -9.47 11.90
CA ARG A 534 52.57 -10.44 10.81
C ARG A 534 52.90 -9.75 9.48
N GLU A 535 53.61 -10.48 8.61
CA GLU A 535 54.10 -9.93 7.35
C GLU A 535 54.13 -11.03 6.31
N LYS A 536 53.68 -10.71 5.09
CA LYS A 536 53.68 -11.66 4.00
C LYS A 536 54.96 -11.52 3.18
N VAL A 537 55.68 -12.61 3.01
CA VAL A 537 56.90 -12.67 2.22
C VAL A 537 56.76 -13.77 1.17
N TRP A 538 57.66 -13.75 0.20
CA TRP A 538 57.74 -14.80 -0.81
C TRP A 538 58.90 -15.73 -0.51
N LYS A 539 58.72 -17.00 -0.86
CA LYS A 539 59.75 -18.02 -0.68
C LYS A 539 60.04 -18.65 -2.04
N ILE A 540 61.31 -18.64 -2.44
CA ILE A 540 61.72 -19.14 -3.74
C ILE A 540 61.83 -20.67 -3.69
N GLY A 541 61.19 -21.34 -4.64
CA GLY A 541 61.21 -22.79 -4.67
C GLY A 541 62.03 -23.36 -5.81
N SER A 542 61.50 -24.35 -6.50
CA SER A 542 62.21 -24.99 -7.60
C SER A 542 62.47 -23.99 -8.72
N THR A 543 63.60 -24.15 -9.38
CA THR A 543 63.96 -23.29 -10.50
C THR A 543 63.46 -23.91 -11.81
N LEU A 544 62.92 -23.06 -12.68
CA LEU A 544 62.33 -23.50 -13.93
C LEU A 544 63.26 -23.31 -15.12
N ALA A 545 63.81 -22.12 -15.31
CA ALA A 545 64.64 -21.84 -16.46
C ALA A 545 65.67 -20.76 -16.13
N GLU A 546 66.71 -20.70 -16.96
CA GLU A 546 67.73 -19.66 -16.88
C GLU A 546 68.01 -19.16 -18.29
N ALA A 547 67.79 -17.86 -18.50
CA ALA A 547 68.05 -17.22 -19.79
C ALA A 547 69.00 -16.05 -19.58
N ALA A 548 69.51 -15.53 -20.69
CA ALA A 548 70.46 -14.42 -20.66
C ALA A 548 70.06 -13.35 -21.66
N VAL A 549 70.28 -12.09 -21.29
CA VAL A 549 70.15 -10.95 -22.19
C VAL A 549 71.52 -10.29 -22.27
N ARG A 550 72.02 -10.11 -23.49
CA ARG A 550 73.38 -9.64 -23.70
C ARG A 550 73.43 -8.13 -23.85
N GLY A 551 74.39 -7.52 -23.16
CA GLY A 551 74.69 -6.10 -23.32
C GLY A 551 73.56 -5.16 -23.03
N VAL A 552 72.94 -5.30 -21.87
CA VAL A 552 71.84 -4.42 -21.49
C VAL A 552 72.39 -3.04 -21.13
N LYS A 553 71.70 -2.00 -21.60
CA LYS A 553 72.08 -0.61 -21.36
C LYS A 553 72.03 -0.28 -19.87
N LYS A 554 72.82 0.74 -19.49
CA LYS A 554 72.74 1.27 -18.13
C LYS A 554 71.40 1.94 -17.90
N GLY A 555 70.72 1.56 -16.83
CA GLY A 555 69.44 2.14 -16.48
C GLY A 555 68.27 1.66 -17.31
N ALA A 556 68.49 0.78 -18.28
CA ALA A 556 67.39 0.27 -19.09
C ALA A 556 66.52 -0.68 -18.28
N LYS A 557 65.33 -0.95 -18.79
CA LYS A 557 64.41 -1.90 -18.18
C LYS A 557 64.34 -3.16 -19.03
N VAL A 558 64.33 -4.32 -18.38
CA VAL A 558 64.29 -5.61 -19.03
C VAL A 558 62.89 -6.19 -18.89
N GLU A 559 62.27 -6.53 -20.01
CA GLU A 559 60.91 -7.04 -20.05
C GLU A 559 60.93 -8.57 -20.04
N VAL A 560 60.18 -9.17 -19.12
CA VAL A 560 60.15 -10.61 -18.94
C VAL A 560 58.71 -11.09 -19.05
N THR A 561 58.46 -12.04 -19.96
CA THR A 561 57.12 -12.56 -20.20
C THR A 561 57.10 -14.06 -19.95
N ILE A 562 56.01 -14.53 -19.32
CA ILE A 562 55.80 -15.94 -19.05
C ILE A 562 54.46 -16.35 -19.62
N ASN A 563 54.45 -17.42 -20.41
CA ASN A 563 53.22 -17.92 -21.03
C ASN A 563 53.04 -19.38 -20.66
N VAL A 564 51.90 -19.70 -20.08
CA VAL A 564 51.52 -21.07 -19.76
C VAL A 564 50.37 -21.47 -20.67
N ASN A 565 50.52 -22.63 -21.33
CA ASN A 565 49.50 -23.16 -22.23
C ASN A 565 48.63 -24.16 -21.47
N THR A 566 47.54 -24.58 -22.13
CA THR A 566 46.68 -25.63 -21.59
C THR A 566 47.49 -26.90 -21.31
N ASP A 567 48.48 -27.17 -22.14
CA ASP A 567 49.39 -28.31 -22.03
C ASP A 567 50.31 -28.22 -20.81
N LEU A 568 50.25 -27.14 -20.03
CA LEU A 568 51.17 -26.81 -18.94
C LEU A 568 52.56 -26.47 -19.45
N THR A 569 52.75 -26.35 -20.76
CA THR A 569 54.02 -25.90 -21.31
C THR A 569 54.25 -24.43 -20.98
N VAL A 570 55.48 -24.10 -20.61
CA VAL A 570 55.84 -22.74 -20.23
C VAL A 570 56.80 -22.19 -21.28
N ILE A 571 56.40 -21.09 -21.91
CA ILE A 571 57.23 -20.38 -22.89
C ILE A 571 57.72 -19.09 -22.23
N VAL A 572 59.03 -18.85 -22.32
CA VAL A 572 59.67 -17.73 -21.65
C VAL A 572 60.25 -16.79 -22.69
N THR A 573 60.04 -15.49 -22.48
CA THR A 573 60.57 -14.45 -23.36
C THR A 573 61.12 -13.33 -22.51
N ALA A 574 62.34 -12.87 -22.84
CA ALA A 574 63.02 -11.80 -22.09
C ALA A 574 63.74 -10.89 -23.08
N ARG A 575 62.98 -10.03 -23.75
CA ARG A 575 63.51 -9.03 -24.68
C ARG A 575 63.42 -7.66 -24.04
N GLU A 576 64.52 -6.91 -24.06
CA GLU A 576 64.54 -5.57 -23.52
C GLU A 576 64.17 -4.57 -24.61
N VAL A 577 63.47 -3.51 -24.20
CA VAL A 577 63.05 -2.48 -25.13
C VAL A 577 63.62 -1.13 -24.70
N GLY A 582 66.30 -10.60 -28.75
CA GLY A 582 65.38 -11.34 -27.89
C GLY A 582 65.80 -12.77 -27.67
N VAL A 583 65.43 -13.32 -26.50
CA VAL A 583 65.75 -14.69 -26.12
C VAL A 583 64.45 -15.39 -25.77
N ARG A 584 64.26 -16.60 -26.31
CA ARG A 584 63.04 -17.37 -26.13
C ARG A 584 63.37 -18.80 -25.77
N GLY A 585 62.52 -19.40 -24.94
CA GLY A 585 62.72 -20.77 -24.51
C GLY A 585 61.41 -21.40 -24.12
N THR A 586 61.38 -22.74 -24.19
CA THR A 586 60.16 -23.50 -23.98
C THR A 586 60.42 -24.62 -22.97
N LEU A 587 59.51 -24.76 -22.00
CA LEU A 587 59.55 -25.84 -21.03
C LEU A 587 58.32 -26.72 -21.23
N SER A 588 58.53 -27.91 -21.77
CA SER A 588 57.43 -28.83 -22.05
C SER A 588 56.75 -29.32 -20.77
N ALA B 6 51.05 -4.50 -18.32
CA ALA B 6 52.41 -4.93 -18.01
C ALA B 6 52.94 -4.19 -16.77
N THR B 7 53.25 -4.96 -15.73
CA THR B 7 53.59 -4.37 -14.44
C THR B 7 55.05 -3.93 -14.40
N VAL B 8 55.27 -2.68 -14.02
CA VAL B 8 56.62 -2.15 -13.80
C VAL B 8 56.99 -2.39 -12.33
N VAL B 9 58.18 -2.95 -12.11
CA VAL B 9 58.68 -3.25 -10.77
C VAL B 9 60.06 -2.63 -10.62
N SER B 10 60.26 -1.91 -9.52
CA SER B 10 61.54 -1.23 -9.26
C SER B 10 62.47 -2.16 -8.49
N LEU B 11 62.90 -3.23 -9.19
CA LEU B 11 63.82 -4.21 -8.64
C LEU B 11 64.83 -4.60 -9.70
N PRO B 12 66.09 -4.78 -9.33
CA PRO B 12 67.13 -5.09 -10.31
C PRO B 12 67.30 -6.58 -10.56
N LEU B 13 67.66 -6.91 -11.83
CA LEU B 13 67.92 -8.27 -12.27
C LEU B 13 69.37 -8.65 -12.01
N PRO B 14 69.65 -9.94 -11.83
CA PRO B 14 71.02 -10.37 -11.49
C PRO B 14 71.98 -10.21 -12.67
N THR B 15 73.17 -9.68 -12.37
CA THR B 15 74.23 -9.68 -13.37
C THR B 15 74.63 -11.11 -13.69
N LEU B 16 74.88 -11.38 -14.97
CA LEU B 16 75.18 -12.73 -15.40
C LEU B 16 76.58 -13.12 -14.95
N PRO B 17 76.76 -14.28 -14.31
CA PRO B 17 78.09 -14.70 -13.89
C PRO B 17 79.00 -14.96 -15.08
N GLU B 18 80.31 -14.84 -14.83
CA GLU B 18 81.29 -15.05 -15.89
C GLU B 18 81.35 -16.53 -16.25
N GLY B 19 81.51 -16.80 -17.55
CA GLY B 19 81.64 -18.17 -18.02
C GLY B 19 80.36 -18.96 -18.04
N TRP B 20 79.23 -18.32 -18.31
CA TRP B 20 77.93 -18.98 -18.40
C TRP B 20 77.43 -18.84 -19.83
N ALA B 21 76.94 -19.94 -20.40
CA ALA B 21 76.42 -19.93 -21.75
C ALA B 21 75.48 -21.12 -21.92
N ALA B 22 74.73 -21.09 -23.02
CA ALA B 22 73.78 -22.14 -23.36
C ALA B 22 73.34 -21.96 -24.81
N GLU B 23 72.66 -22.98 -25.33
CA GLU B 23 72.15 -22.91 -26.70
C GLU B 23 71.11 -21.81 -26.82
N LYS B 24 71.40 -20.82 -27.65
CA LYS B 24 70.54 -19.64 -27.82
C LYS B 24 70.33 -18.92 -26.49
N ASP B 25 71.33 -18.99 -25.61
CA ASP B 25 71.31 -18.31 -24.31
C ASP B 25 70.11 -18.73 -23.46
N PHE B 26 69.67 -19.98 -23.59
CA PHE B 26 68.56 -20.48 -22.80
C PHE B 26 68.88 -21.87 -22.28
N LYS B 27 68.54 -22.12 -21.02
CA LYS B 27 68.76 -23.40 -20.37
C LYS B 27 67.47 -23.80 -19.66
N ALA B 28 66.90 -24.94 -20.04
CA ALA B 28 65.69 -25.44 -19.43
C ALA B 28 66.07 -26.36 -18.27
N ILE B 29 65.59 -26.01 -17.07
CA ILE B 29 65.92 -26.75 -15.85
C ILE B 29 64.73 -27.54 -15.34
N GLY B 30 63.57 -26.90 -15.21
CA GLY B 30 62.39 -27.54 -14.65
C GLY B 30 61.19 -27.42 -15.57
N LYS B 31 60.07 -27.95 -15.08
CA LYS B 31 58.81 -27.89 -15.81
C LYS B 31 57.67 -27.99 -14.81
N LEU B 32 56.46 -27.74 -15.30
CA LEU B 32 55.26 -27.87 -14.49
C LEU B 32 54.75 -29.30 -14.53
N THR B 33 54.25 -29.78 -13.40
CA THR B 33 53.69 -31.11 -13.28
C THR B 33 52.18 -31.01 -13.02
N GLN B 34 51.50 -32.15 -13.18
CA GLN B 34 50.09 -32.20 -12.82
C GLN B 34 49.90 -32.03 -11.31
N GLU B 35 50.93 -32.37 -10.52
CA GLU B 35 50.86 -32.12 -9.08
C GLU B 35 50.94 -30.63 -8.79
N GLY B 36 51.69 -29.88 -9.59
CA GLY B 36 51.81 -28.45 -9.44
C GLY B 36 50.63 -27.64 -9.92
N SER B 37 49.58 -28.31 -10.40
CA SER B 37 48.36 -27.64 -10.83
C SER B 37 47.16 -28.26 -10.12
N SER B 38 45.95 -27.85 -10.51
CA SER B 38 44.73 -28.37 -9.94
C SER B 38 43.56 -27.96 -10.81
N MET B 39 42.60 -28.87 -10.98
CA MET B 39 41.41 -28.58 -11.78
C MET B 39 40.41 -27.81 -10.92
N ARG B 40 40.19 -26.55 -11.26
CA ARG B 40 39.18 -25.74 -10.61
C ARG B 40 38.14 -25.30 -11.64
N THR B 41 36.98 -24.89 -11.14
CA THR B 41 35.85 -24.49 -11.97
C THR B 41 35.70 -22.98 -11.95
N LEU B 42 35.54 -22.38 -13.12
CA LEU B 42 35.35 -20.95 -13.25
C LEU B 42 33.88 -20.59 -13.10
N GLU B 43 33.64 -19.33 -12.79
CA GLU B 43 32.29 -18.78 -12.84
C GLU B 43 31.99 -18.34 -14.27
N PRO B 44 30.94 -18.85 -14.89
CA PRO B 44 30.64 -18.52 -16.30
C PRO B 44 30.07 -17.12 -16.46
N VAL B 45 30.85 -16.12 -16.08
CA VAL B 45 30.37 -14.74 -15.95
C VAL B 45 31.43 -13.80 -16.52
N GLY B 46 30.98 -12.75 -17.19
CA GLY B 46 31.86 -11.71 -17.66
C GLY B 46 32.23 -11.86 -19.12
N PRO B 47 32.63 -10.75 -19.75
CA PRO B 47 33.00 -10.82 -21.17
C PRO B 47 34.23 -11.65 -21.43
N HIS B 48 35.16 -11.71 -20.47
CA HIS B 48 36.38 -12.47 -20.66
C HIS B 48 36.13 -13.97 -20.59
N PHE B 49 35.12 -14.41 -19.85
CA PHE B 49 34.76 -15.83 -19.88
C PHE B 49 34.10 -16.19 -21.20
N LEU B 50 33.17 -15.35 -21.66
CA LEU B 50 32.53 -15.60 -22.96
C LEU B 50 33.55 -15.65 -24.09
N ALA B 51 34.61 -14.86 -23.99
CA ALA B 51 35.69 -14.94 -24.98
C ALA B 51 36.42 -16.27 -24.87
N HIS B 52 36.64 -16.76 -23.65
CA HIS B 52 37.26 -18.07 -23.47
C HIS B 52 36.37 -19.19 -23.99
N ALA B 53 35.08 -19.14 -23.65
CA ALA B 53 34.14 -20.13 -24.16
C ALA B 53 34.02 -20.05 -25.68
N ARG B 54 34.21 -18.86 -26.24
CA ARG B 54 34.20 -18.70 -27.69
C ARG B 54 35.37 -19.44 -28.33
N ARG B 55 36.55 -19.36 -27.71
CA ARG B 55 37.73 -20.01 -28.28
C ARG B 55 37.65 -21.53 -28.14
N VAL B 56 37.11 -22.01 -27.01
CA VAL B 56 37.07 -23.45 -26.76
C VAL B 56 36.14 -24.14 -27.75
N ARG B 57 35.02 -23.50 -28.10
CA ARG B 57 34.07 -24.08 -29.05
C ARG B 57 34.57 -23.99 -30.50
N GLY C 22 -1.86 22.65 6.88
CA GLY C 22 -1.01 21.59 6.35
C GLY C 22 -0.35 20.74 7.41
N GLU C 23 -1.09 20.44 8.48
CA GLU C 23 -0.57 19.65 9.58
C GLU C 23 -1.50 18.54 10.04
N ARG C 24 -2.76 18.54 9.59
CA ARG C 24 -3.75 17.60 10.07
C ARG C 24 -3.73 16.31 9.28
N VAL C 25 -4.11 15.22 9.96
CA VAL C 25 -4.44 13.94 9.35
C VAL C 25 -5.91 13.71 9.67
N VAL C 26 -6.77 13.92 8.68
CA VAL C 26 -8.21 13.98 8.89
C VAL C 26 -8.86 12.69 8.38
N ILE C 27 -10.01 12.36 9.00
CA ILE C 27 -10.87 11.27 8.56
C ILE C 27 -12.33 11.71 8.75
N GLY C 28 -13.24 10.90 8.23
CA GLY C 28 -14.66 11.02 8.51
C GLY C 28 -15.07 9.90 9.46
N ILE C 29 -15.99 10.20 10.36
CA ILE C 29 -16.48 9.24 11.34
C ILE C 29 -18.00 9.25 11.34
N THR C 30 -18.61 8.07 11.28
CA THR C 30 -20.02 7.91 11.56
C THR C 30 -20.15 7.13 12.87
N PHE C 31 -20.97 7.65 13.78
CA PHE C 31 -21.03 7.19 15.17
C PHE C 31 -22.48 6.88 15.50
N GLY C 32 -22.87 5.62 15.33
CA GLY C 32 -24.24 5.20 15.54
C GLY C 32 -24.40 4.31 16.77
N ASN C 33 -25.66 4.09 17.15
CA ASN C 33 -25.96 3.26 18.31
C ASN C 33 -25.59 1.80 18.06
N SER C 34 -25.76 1.33 16.84
CA SER C 34 -25.43 -0.05 16.50
C SER C 34 -24.01 -0.17 15.95
N ASN C 35 -23.66 0.63 14.95
CA ASN C 35 -22.40 0.49 14.25
C ASN C 35 -21.73 1.85 14.08
N SER C 36 -20.42 1.81 13.88
CA SER C 36 -19.65 2.97 13.52
C SER C 36 -18.81 2.63 12.30
N SER C 37 -18.28 3.67 11.65
CA SER C 37 -17.43 3.45 10.50
C SER C 37 -16.51 4.65 10.32
N ILE C 38 -15.36 4.41 9.70
CA ILE C 38 -14.35 5.41 9.45
C ILE C 38 -14.04 5.42 7.96
N ALA C 39 -13.68 6.60 7.45
CA ALA C 39 -13.38 6.75 6.03
C ALA C 39 -12.42 7.90 5.84
N HIS C 40 -11.76 7.91 4.68
CA HIS C 40 -10.87 8.99 4.31
C HIS C 40 -10.94 9.18 2.80
N THR C 41 -10.00 9.95 2.25
CA THR C 41 -10.02 10.35 0.85
C THR C 41 -8.72 9.96 0.17
N VAL C 42 -8.83 9.22 -0.93
CA VAL C 42 -7.69 8.88 -1.78
C VAL C 42 -8.01 9.43 -3.16
N ASP C 43 -7.23 10.42 -3.60
CA ASP C 43 -7.44 11.09 -4.89
C ASP C 43 -8.86 11.66 -5.00
N ASP C 44 -9.26 12.37 -3.95
CA ASP C 44 -10.53 13.10 -3.86
C ASP C 44 -11.76 12.20 -3.93
N LYS C 45 -11.58 10.88 -3.84
CA LYS C 45 -12.70 9.95 -3.77
C LYS C 45 -12.71 9.31 -2.39
N ALA C 46 -13.92 9.11 -1.85
CA ALA C 46 -14.06 8.58 -0.50
C ALA C 46 -13.85 7.07 -0.50
N GLU C 47 -13.14 6.59 0.53
CA GLU C 47 -12.96 5.16 0.75
C GLU C 47 -13.18 4.86 2.23
N VAL C 48 -14.01 3.86 2.51
CA VAL C 48 -14.29 3.45 3.87
C VAL C 48 -13.21 2.48 4.34
N ILE C 49 -12.72 2.70 5.55
CA ILE C 49 -11.59 1.97 6.11
C ILE C 49 -12.08 0.73 6.85
N ALA C 50 -11.34 -0.37 6.72
CA ALA C 50 -11.60 -1.59 7.48
C ALA C 50 -10.69 -1.64 8.70
N ASN C 51 -11.22 -2.19 9.81
CA ASN C 51 -10.48 -2.21 11.06
C ASN C 51 -9.68 -3.50 11.16
N GLU C 52 -9.23 -3.85 12.37
CA GLU C 52 -8.39 -5.03 12.57
C GLU C 52 -9.14 -6.31 12.23
N ASP C 53 -10.45 -6.34 12.43
CA ASP C 53 -11.26 -7.52 12.15
C ASP C 53 -11.67 -7.60 10.68
N GLY C 54 -11.24 -6.65 9.85
CA GLY C 54 -11.72 -6.59 8.48
C GLY C 54 -13.11 -6.03 8.33
N ASP C 55 -13.61 -5.34 9.35
CA ASP C 55 -14.96 -4.79 9.37
C ASP C 55 -14.96 -3.33 8.95
N ARG C 56 -15.92 -2.97 8.10
CA ARG C 56 -16.18 -1.57 7.78
C ARG C 56 -17.43 -1.03 8.47
N GLN C 57 -18.33 -1.93 8.90
CA GLN C 57 -19.44 -1.58 9.78
C GLN C 57 -19.06 -2.12 11.16
N ILE C 58 -18.49 -1.26 11.98
CA ILE C 58 -17.85 -1.66 13.23
C ILE C 58 -18.87 -1.49 14.36
N PRO C 59 -19.33 -2.58 14.99
CA PRO C 59 -20.33 -2.45 16.06
C PRO C 59 -19.89 -1.48 17.14
N THR C 60 -20.82 -0.63 17.57
CA THR C 60 -20.52 0.37 18.59
C THR C 60 -20.71 -0.26 19.97
N ILE C 61 -19.83 -1.20 20.27
CA ILE C 61 -19.90 -2.01 21.47
C ILE C 61 -18.52 -2.05 22.13
N LEU C 62 -18.49 -2.03 23.45
CA LEU C 62 -17.27 -2.11 24.23
C LEU C 62 -17.44 -3.21 25.27
N SER C 63 -16.40 -4.03 25.45
CA SER C 63 -16.47 -5.16 26.36
C SER C 63 -15.13 -5.36 27.04
N TYR C 64 -15.17 -5.94 28.25
CA TYR C 64 -13.98 -6.17 29.05
C TYR C 64 -14.00 -7.61 29.56
N VAL C 65 -12.94 -8.35 29.24
CA VAL C 65 -12.76 -9.73 29.72
C VAL C 65 -11.33 -9.85 30.23
N ASP C 66 -11.19 -10.27 31.48
CA ASP C 66 -9.87 -10.50 32.09
C ASP C 66 -9.00 -9.24 32.07
N GLY C 67 -9.62 -8.07 32.15
CA GLY C 67 -8.88 -6.83 32.16
C GLY C 67 -8.51 -6.27 30.80
N ASP C 68 -8.81 -6.98 29.71
CA ASP C 68 -8.51 -6.52 28.37
C ASP C 68 -9.74 -5.88 27.74
N GLU C 69 -9.52 -4.81 26.99
CA GLU C 69 -10.60 -4.09 26.34
C GLU C 69 -10.83 -4.64 24.93
N TYR C 70 -12.09 -4.89 24.62
CA TYR C 70 -12.50 -5.29 23.28
C TYR C 70 -13.54 -4.30 22.76
N TYR C 71 -13.58 -4.15 21.44
CA TYR C 71 -14.55 -3.29 20.79
C TYR C 71 -14.94 -3.92 19.46
N GLY C 72 -15.96 -3.33 18.83
CA GLY C 72 -16.40 -3.84 17.54
C GLY C 72 -16.96 -5.24 17.66
N GLN C 73 -16.68 -6.06 16.63
CA GLN C 73 -17.29 -7.38 16.54
C GLN C 73 -16.79 -8.31 17.65
N GLN C 74 -15.53 -8.17 18.06
CA GLN C 74 -15.03 -9.00 19.16
C GLN C 74 -15.79 -8.72 20.45
N ALA C 75 -16.19 -7.48 20.68
CA ALA C 75 -17.02 -7.17 21.85
C ALA C 75 -18.45 -7.66 21.64
N LYS C 76 -18.98 -7.49 20.42
CA LYS C 76 -20.31 -7.99 20.12
C LYS C 76 -20.40 -9.49 20.37
N ASN C 77 -19.31 -10.23 20.13
CA ASN C 77 -19.33 -11.67 20.34
C ASN C 77 -19.40 -12.03 21.82
N PHE C 78 -18.91 -11.16 22.71
CA PHE C 78 -18.98 -11.40 24.14
C PHE C 78 -20.34 -11.05 24.74
N LEU C 79 -21.33 -10.71 23.91
CA LEU C 79 -22.66 -10.41 24.43
C LEU C 79 -23.31 -11.64 25.09
N VAL C 80 -22.89 -12.84 24.71
CA VAL C 80 -23.51 -14.04 25.25
C VAL C 80 -22.94 -14.39 26.63
N ARG C 81 -21.62 -14.56 26.71
CA ARG C 81 -20.98 -15.00 27.93
C ARG C 81 -20.61 -13.88 28.88
N ASN C 82 -20.60 -12.64 28.41
CA ASN C 82 -20.16 -11.53 29.26
C ASN C 82 -21.09 -10.33 29.16
N PRO C 83 -22.40 -10.49 29.35
CA PRO C 83 -23.31 -9.36 29.10
C PRO C 83 -23.13 -8.21 30.07
N LYS C 84 -22.91 -8.49 31.36
CA LYS C 84 -22.89 -7.41 32.35
C LYS C 84 -21.63 -6.56 32.29
N ASN C 85 -20.58 -7.03 31.62
CA ASN C 85 -19.36 -6.25 31.43
C ASN C 85 -19.22 -5.77 29.98
N THR C 86 -20.34 -5.66 29.28
CA THR C 86 -20.36 -5.18 27.91
C THR C 86 -21.30 -3.98 27.83
N VAL C 87 -20.88 -2.95 27.10
CA VAL C 87 -21.66 -1.72 26.96
C VAL C 87 -22.01 -1.54 25.49
N ALA C 88 -23.31 -1.39 25.21
CA ALA C 88 -23.79 -1.22 23.85
C ALA C 88 -24.92 -0.20 23.86
N TYR C 89 -25.28 0.26 22.66
CA TYR C 89 -26.37 1.22 22.46
C TYR C 89 -26.25 2.41 23.42
N PHE C 90 -25.10 3.07 23.36
CA PHE C 90 -24.80 4.20 24.23
C PHE C 90 -24.62 5.51 23.49
N ARG C 91 -24.59 5.50 22.14
CA ARG C 91 -24.42 6.74 21.39
C ARG C 91 -25.50 7.76 21.75
N ASP C 92 -26.77 7.32 21.75
CA ASP C 92 -27.87 8.21 22.09
C ASP C 92 -27.93 8.55 23.57
N ILE C 93 -27.24 7.80 24.43
CA ILE C 93 -27.17 8.16 25.85
C ILE C 93 -26.29 9.38 26.05
N LEU C 94 -25.33 9.62 25.15
CA LEU C 94 -24.40 10.74 25.29
C LEU C 94 -25.13 12.06 25.45
N GLY C 95 -24.75 12.81 26.49
CA GLY C 95 -25.27 14.14 26.69
C GLY C 95 -26.72 14.22 27.08
N GLN C 96 -27.32 13.13 27.57
CA GLN C 96 -28.72 13.10 27.96
C GLN C 96 -28.86 13.07 29.48
N ASP C 97 -29.94 13.68 29.96
CA ASP C 97 -30.35 13.46 31.34
C ASP C 97 -30.86 12.04 31.51
N PHE C 98 -30.65 11.48 32.70
CA PHE C 98 -31.07 10.10 32.94
C PHE C 98 -32.56 9.92 32.72
N LYS C 99 -33.36 10.93 33.06
CA LYS C 99 -34.81 10.85 32.89
C LYS C 99 -35.23 10.73 31.43
N SER C 100 -34.32 10.96 30.49
CA SER C 100 -34.59 10.85 29.07
C SER C 100 -34.11 9.53 28.47
N VAL C 101 -33.41 8.72 29.25
CA VAL C 101 -32.74 7.53 28.73
C VAL C 101 -33.76 6.40 28.58
N ASP C 102 -33.87 5.88 27.36
CA ASP C 102 -34.60 4.65 27.12
C ASP C 102 -33.63 3.48 27.22
N PRO C 103 -33.65 2.70 28.29
CA PRO C 103 -32.66 1.62 28.46
C PRO C 103 -33.05 0.30 27.81
N THR C 104 -34.08 0.28 26.97
CA THR C 104 -34.60 -0.98 26.43
C THR C 104 -33.51 -1.82 25.78
N HIS C 105 -32.74 -1.22 24.87
CA HIS C 105 -31.74 -1.99 24.15
C HIS C 105 -30.51 -2.31 25.00
N ASN C 106 -30.34 -1.64 26.13
CA ASN C 106 -29.24 -1.96 27.05
C ASN C 106 -29.59 -3.09 28.01
N HIS C 107 -30.83 -3.57 27.98
CA HIS C 107 -31.30 -4.54 28.97
C HIS C 107 -30.48 -5.83 28.94
N ALA C 108 -30.03 -6.24 27.75
CA ALA C 108 -29.27 -7.47 27.55
C ALA C 108 -27.77 -7.27 27.79
N SER C 109 -27.36 -6.07 28.22
CA SER C 109 -25.96 -5.81 28.55
C SER C 109 -25.92 -4.93 29.80
N ALA C 110 -24.88 -4.12 29.94
CA ALA C 110 -24.75 -3.25 31.10
C ALA C 110 -25.84 -2.18 31.10
N HIS C 111 -26.56 -2.09 32.22
CA HIS C 111 -27.67 -1.15 32.33
C HIS C 111 -27.14 0.26 32.61
N PRO C 112 -27.69 1.27 31.93
CA PRO C 112 -27.35 2.65 32.30
C PRO C 112 -27.96 3.00 33.66
N GLN C 113 -27.17 3.67 34.49
CA GLN C 113 -27.58 4.01 35.85
C GLN C 113 -27.35 5.49 36.09
N GLU C 114 -28.08 6.02 37.08
CA GLU C 114 -28.00 7.43 37.43
C GLU C 114 -27.04 7.61 38.59
N ALA C 115 -26.10 8.55 38.43
CA ALA C 115 -25.11 8.86 39.46
C ALA C 115 -24.84 10.36 39.41
N GLY C 116 -25.35 11.08 40.41
CA GLY C 116 -25.23 12.53 40.41
C GLY C 116 -25.99 13.12 39.23
N ASP C 117 -25.29 13.87 38.39
CA ASP C 117 -25.85 14.42 37.16
C ASP C 117 -25.33 13.72 35.92
N ASN C 118 -24.79 12.51 36.07
CA ASN C 118 -24.27 11.73 34.96
C ASN C 118 -25.05 10.43 34.81
N VAL C 119 -24.95 9.84 33.63
CA VAL C 119 -25.37 8.47 33.38
C VAL C 119 -24.11 7.61 33.34
N VAL C 120 -24.11 6.52 34.11
CA VAL C 120 -22.93 5.69 34.29
C VAL C 120 -23.27 4.22 34.05
N PHE C 121 -22.22 3.45 33.77
CA PHE C 121 -22.27 1.99 33.72
C PHE C 121 -21.27 1.42 34.71
N THR C 122 -21.64 0.29 35.32
CA THR C 122 -20.82 -0.38 36.31
C THR C 122 -20.27 -1.66 35.67
N ILE C 123 -18.98 -1.65 35.33
CA ILE C 123 -18.37 -2.78 34.62
C ILE C 123 -17.02 -3.10 35.24
N LYS C 124 -16.65 -4.38 35.17
CA LYS C 124 -15.40 -4.88 35.71
C LYS C 124 -14.33 -4.79 34.63
N ASP C 125 -13.60 -3.69 34.60
CA ASP C 125 -12.59 -3.44 33.59
C ASP C 125 -11.17 -3.61 34.13
N LYS C 126 -11.02 -4.07 35.37
CA LYS C 126 -9.71 -4.36 35.93
C LYS C 126 -9.41 -5.86 35.84
N ALA C 127 -8.13 -6.19 35.95
CA ALA C 127 -7.68 -7.55 35.65
C ALA C 127 -7.92 -8.52 36.80
N GLU C 128 -7.50 -8.16 38.01
CA GLU C 128 -7.52 -9.11 39.11
C GLU C 128 -8.95 -9.38 39.60
N GLU C 129 -9.12 -10.52 40.26
CA GLU C 129 -10.43 -10.93 40.74
C GLU C 129 -10.82 -10.24 42.04
N ASP C 130 -9.85 -9.72 42.78
CA ASP C 130 -10.12 -8.97 44.01
C ASP C 130 -10.48 -7.51 43.75
N ALA C 131 -10.81 -7.16 42.51
CA ALA C 131 -10.96 -5.77 42.11
C ALA C 131 -12.44 -5.39 42.08
N GLU C 132 -12.74 -4.24 42.68
CA GLU C 132 -14.09 -3.71 42.61
C GLU C 132 -14.38 -3.22 41.19
N PRO C 133 -15.62 -3.38 40.71
CA PRO C 133 -15.95 -2.87 39.37
C PRO C 133 -15.85 -1.35 39.32
N SER C 134 -15.59 -0.85 38.13
CA SER C 134 -15.47 0.58 37.91
C SER C 134 -16.82 1.17 37.53
N THR C 135 -17.03 2.43 37.92
CA THR C 135 -18.21 3.18 37.55
C THR C 135 -17.81 4.19 36.47
N LEU C 136 -18.26 3.96 35.24
CA LEU C 136 -17.81 4.73 34.09
C LEU C 136 -18.98 5.51 33.52
N THR C 137 -18.81 6.83 33.39
CA THR C 137 -19.80 7.65 32.71
C THR C 137 -19.87 7.27 31.23
N VAL C 138 -21.03 7.54 30.62
CA VAL C 138 -21.20 7.23 29.21
C VAL C 138 -20.21 8.01 28.37
N SER C 139 -19.81 9.20 28.85
CA SER C 139 -18.80 9.99 28.16
C SER C 139 -17.47 9.24 28.11
N GLU C 140 -17.05 8.67 29.24
CA GLU C 140 -15.81 7.89 29.27
C GLU C 140 -15.92 6.62 28.44
N ILE C 141 -17.12 6.02 28.38
CA ILE C 141 -17.32 4.89 27.47
C ILE C 141 -17.15 5.34 26.02
N ALA C 142 -17.72 6.48 25.67
CA ALA C 142 -17.59 6.99 24.31
C ALA C 142 -16.12 7.29 23.99
N THR C 143 -15.40 7.90 24.93
CA THR C 143 -14.00 8.22 24.71
C THR C 143 -13.18 6.96 24.42
N ARG C 144 -13.40 5.91 25.22
CA ARG C 144 -12.65 4.66 25.03
C ARG C 144 -13.02 3.98 23.72
N TYR C 145 -14.28 4.08 23.29
CA TYR C 145 -14.63 3.52 21.99
C TYR C 145 -14.03 4.33 20.86
N LEU C 146 -14.05 5.66 20.97
CA LEU C 146 -13.51 6.51 19.91
C LEU C 146 -12.00 6.34 19.77
N ARG C 147 -11.29 6.09 20.87
CA ARG C 147 -9.86 5.78 20.79
C ARG C 147 -9.63 4.57 19.90
N ARG C 148 -10.35 3.48 20.15
CA ARG C 148 -10.19 2.27 19.35
C ARG C 148 -10.63 2.49 17.90
N LEU C 149 -11.66 3.30 17.68
CA LEU C 149 -12.10 3.60 16.32
C LEU C 149 -11.05 4.43 15.59
N VAL C 150 -10.51 5.45 16.24
CA VAL C 150 -9.47 6.28 15.63
C VAL C 150 -8.18 5.48 15.49
N GLY C 151 -7.88 4.61 16.47
CA GLY C 151 -6.67 3.82 16.40
C GLY C 151 -6.64 2.90 15.20
N ALA C 152 -7.78 2.31 14.85
CA ALA C 152 -7.86 1.48 13.64
C ALA C 152 -7.58 2.33 12.40
N ALA C 153 -8.09 3.56 12.37
CA ALA C 153 -7.81 4.44 11.24
C ALA C 153 -6.33 4.80 11.17
N SER C 154 -5.72 5.13 12.31
CA SER C 154 -4.31 5.48 12.32
C SER C 154 -3.45 4.30 11.90
N GLU C 155 -3.84 3.09 12.29
CA GLU C 155 -3.08 1.90 11.93
C GLU C 155 -3.11 1.65 10.42
N TYR C 156 -4.28 1.84 9.79
CA TYR C 156 -4.38 1.65 8.35
C TYR C 156 -3.62 2.73 7.60
N LEU C 157 -3.76 3.99 8.02
CA LEU C 157 -3.08 5.08 7.33
C LEU C 157 -1.56 5.07 7.56
N GLY C 158 -1.10 4.44 8.63
CA GLY C 158 0.31 4.49 8.96
C GLY C 158 0.78 5.80 9.55
N LYS C 159 -0.15 6.68 9.92
CA LYS C 159 0.17 7.91 10.63
C LYS C 159 -0.97 8.22 11.58
N LYS C 160 -0.67 9.04 12.59
CA LYS C 160 -1.64 9.34 13.64
C LYS C 160 -2.72 10.28 13.12
N VAL C 161 -3.98 9.87 13.28
CA VAL C 161 -5.10 10.74 12.93
C VAL C 161 -5.23 11.82 14.00
N THR C 162 -5.35 13.08 13.56
CA THR C 162 -5.46 14.21 14.48
C THR C 162 -6.84 14.83 14.54
N SER C 163 -7.59 14.80 13.44
CA SER C 163 -8.86 15.52 13.34
C SER C 163 -9.87 14.68 12.57
N ALA C 164 -11.14 15.05 12.71
CA ALA C 164 -12.21 14.30 12.08
C ALA C 164 -13.46 15.15 11.96
N VAL C 165 -14.29 14.82 10.97
CA VAL C 165 -15.66 15.29 10.88
C VAL C 165 -16.58 14.13 11.23
N ILE C 166 -17.54 14.38 12.12
CA ILE C 166 -18.41 13.33 12.66
C ILE C 166 -19.86 13.65 12.29
N THR C 167 -20.59 12.63 11.88
CA THR C 167 -22.00 12.77 11.57
C THR C 167 -22.84 12.64 12.84
N ILE C 168 -23.92 13.43 12.89
CA ILE C 168 -24.85 13.41 14.01
C ILE C 168 -26.27 13.45 13.47
N PRO C 169 -27.24 12.96 14.24
CA PRO C 169 -28.64 13.09 13.84
C PRO C 169 -29.12 14.53 13.95
N THR C 170 -30.21 14.83 13.23
CA THR C 170 -30.71 16.20 13.19
C THR C 170 -31.43 16.62 14.46
N ASN C 171 -31.71 15.71 15.38
CA ASN C 171 -32.29 16.05 16.67
C ASN C 171 -31.30 15.87 17.82
N PHE C 172 -30.01 15.89 17.52
CA PHE C 172 -28.97 15.96 18.55
C PHE C 172 -29.05 17.31 19.26
N THR C 173 -29.29 17.29 20.57
CA THR C 173 -29.38 18.54 21.31
C THR C 173 -28.02 19.23 21.38
N GLU C 174 -28.03 20.51 21.75
CA GLU C 174 -26.78 21.23 21.97
C GLU C 174 -25.96 20.55 23.05
N LYS C 175 -26.64 20.01 24.08
CA LYS C 175 -25.96 19.29 25.15
C LYS C 175 -25.32 18.02 24.63
N GLN C 176 -25.96 17.34 23.68
CA GLN C 176 -25.38 16.12 23.11
C GLN C 176 -24.18 16.44 22.23
N LYS C 177 -24.28 17.50 21.42
CA LYS C 177 -23.13 17.94 20.63
C LYS C 177 -21.92 18.20 21.52
N ALA C 178 -22.12 18.93 22.62
CA ALA C 178 -21.02 19.24 23.52
C ALA C 178 -20.42 17.96 24.09
N ALA C 179 -21.26 16.98 24.43
CA ALA C 179 -20.75 15.74 25.01
C ALA C 179 -19.92 14.96 24.01
N LEU C 180 -20.37 14.90 22.75
CA LEU C 180 -19.59 14.21 21.72
C LEU C 180 -18.24 14.88 21.50
N ILE C 181 -18.22 16.22 21.45
CA ILE C 181 -16.97 16.94 21.27
C ILE C 181 -16.05 16.73 22.46
N ALA C 182 -16.61 16.70 23.68
CA ALA C 182 -15.80 16.45 24.86
C ALA C 182 -15.26 15.03 24.88
N ALA C 183 -16.10 14.05 24.53
CA ALA C 183 -15.65 12.67 24.49
C ALA C 183 -14.53 12.49 23.48
N ALA C 184 -14.68 13.09 22.29
CA ALA C 184 -13.63 13.01 21.28
C ALA C 184 -12.36 13.71 21.75
N ALA C 185 -12.50 14.86 22.42
CA ALA C 185 -11.34 15.60 22.89
C ALA C 185 -10.53 14.77 23.88
N ALA C 186 -11.19 14.00 24.74
CA ALA C 186 -10.50 13.11 25.67
C ALA C 186 -9.93 11.88 24.97
N ALA C 187 -10.34 11.60 23.73
CA ALA C 187 -9.71 10.59 22.92
C ALA C 187 -8.61 11.17 22.03
N ASP C 188 -8.17 12.40 22.31
CA ASP C 188 -7.12 13.07 21.55
C ASP C 188 -7.53 13.26 20.08
N LEU C 189 -8.81 13.54 19.87
CA LEU C 189 -9.38 13.70 18.54
C LEU C 189 -10.00 15.08 18.41
N GLU C 190 -9.45 15.91 17.53
CA GLU C 190 -10.02 17.21 17.24
C GLU C 190 -11.24 17.05 16.32
N VAL C 191 -12.34 17.70 16.67
CA VAL C 191 -13.56 17.66 15.89
C VAL C 191 -13.59 18.91 15.02
N LEU C 192 -13.35 18.73 13.72
CA LEU C 192 -13.40 19.87 12.80
C LEU C 192 -14.82 20.40 12.66
N GLN C 193 -15.81 19.51 12.61
CA GLN C 193 -17.19 19.90 12.37
C GLN C 193 -18.09 18.71 12.63
N LEU C 194 -19.32 19.00 13.07
CA LEU C 194 -20.39 18.02 13.13
C LEU C 194 -21.41 18.36 12.04
N ILE C 195 -21.72 17.37 11.20
CA ILE C 195 -22.67 17.56 10.11
C ILE C 195 -23.78 16.51 10.24
N SER C 196 -24.95 16.85 9.72
CA SER C 196 -26.10 15.97 9.86
C SER C 196 -25.92 14.69 9.06
N GLU C 197 -26.43 13.59 9.59
CA GLU C 197 -26.38 12.32 8.87
C GLU C 197 -27.06 12.36 7.51
N PRO C 198 -28.19 13.06 7.29
CA PRO C 198 -28.76 13.13 5.93
C PRO C 198 -27.88 13.89 4.94
N ALA C 199 -27.36 15.04 5.35
CA ALA C 199 -26.54 15.83 4.43
C ALA C 199 -25.28 15.08 4.02
N ALA C 200 -24.70 14.30 4.94
CA ALA C 200 -23.53 13.50 4.59
C ALA C 200 -23.88 12.48 3.51
N ALA C 201 -25.05 11.85 3.62
CA ALA C 201 -25.45 10.85 2.64
C ALA C 201 -25.64 11.48 1.26
N VAL C 202 -26.17 12.70 1.21
CA VAL C 202 -26.32 13.38 -0.07
C VAL C 202 -24.96 13.77 -0.63
N LEU C 203 -24.06 14.24 0.22
CA LEU C 203 -22.73 14.63 -0.22
C LEU C 203 -21.95 13.44 -0.77
N ALA C 204 -22.20 12.24 -0.24
CA ALA C 204 -21.49 11.05 -0.71
C ALA C 204 -21.75 10.78 -2.18
N TYR C 205 -22.89 11.23 -2.70
CA TYR C 205 -23.20 11.09 -4.11
C TYR C 205 -22.72 12.30 -4.92
N ASP C 206 -23.00 13.51 -4.43
CA ASP C 206 -22.68 14.72 -5.18
C ASP C 206 -21.18 14.94 -5.35
N ALA C 207 -20.36 14.36 -4.48
CA ALA C 207 -18.92 14.57 -4.51
C ALA C 207 -18.18 13.51 -5.33
N ARG C 208 -18.91 12.64 -6.01
CA ARG C 208 -18.30 11.70 -6.95
C ARG C 208 -17.96 12.43 -8.24
N PRO C 209 -16.96 11.95 -8.98
CA PRO C 209 -16.59 12.63 -10.24
C PRO C 209 -17.71 12.57 -11.28
N GLU C 210 -18.45 11.47 -11.32
CA GLU C 210 -19.54 11.29 -12.28
C GLU C 210 -20.79 12.10 -11.92
N ALA C 211 -20.76 12.85 -10.83
CA ALA C 211 -21.97 13.50 -10.32
C ALA C 211 -22.32 14.74 -11.11
N THR C 212 -23.62 14.97 -11.29
CA THR C 212 -24.15 16.15 -11.95
C THR C 212 -24.85 17.02 -10.92
N ILE C 213 -24.46 18.29 -10.87
CA ILE C 213 -25.18 19.26 -10.04
C ILE C 213 -26.54 19.53 -10.65
N SER C 214 -27.59 19.39 -9.85
CA SER C 214 -28.94 19.51 -10.37
C SER C 214 -29.90 19.87 -9.24
N ASP C 215 -30.94 20.61 -9.60
CA ASP C 215 -31.99 20.96 -8.65
C ASP C 215 -32.92 19.76 -8.47
N LYS C 216 -33.04 19.28 -7.23
CA LYS C 216 -33.92 18.15 -6.97
C LYS C 216 -34.33 18.15 -5.51
N ILE C 217 -35.57 17.76 -5.25
CA ILE C 217 -36.07 17.53 -3.90
C ILE C 217 -35.77 16.09 -3.54
N ILE C 218 -35.03 15.89 -2.45
CA ILE C 218 -34.44 14.60 -2.09
C ILE C 218 -35.07 14.12 -0.79
N VAL C 219 -35.45 12.85 -0.76
CA VAL C 219 -35.83 12.17 0.48
C VAL C 219 -34.68 11.25 0.87
N VAL C 220 -34.17 11.40 2.08
CA VAL C 220 -33.11 10.56 2.62
C VAL C 220 -33.74 9.64 3.66
N ALA C 221 -33.82 8.36 3.33
CA ALA C 221 -34.41 7.35 4.20
C ALA C 221 -33.28 6.61 4.92
N ASP C 222 -33.02 7.02 6.15
CA ASP C 222 -31.94 6.44 6.96
C ASP C 222 -32.57 5.39 7.87
N LEU C 223 -32.50 4.13 7.44
CA LEU C 223 -33.07 3.02 8.18
C LEU C 223 -31.95 2.28 8.90
N GLY C 224 -31.90 2.43 10.22
CA GLY C 224 -30.81 1.90 11.00
C GLY C 224 -31.19 0.72 11.89
N GLY C 225 -30.50 0.58 13.02
CA GLY C 225 -30.74 -0.52 13.93
C GLY C 225 -31.78 -0.25 14.98
N SER C 226 -31.58 0.79 15.78
CA SER C 226 -32.52 1.16 16.84
C SER C 226 -33.38 2.35 16.49
N ARG C 227 -33.16 2.98 15.34
CA ARG C 227 -33.95 4.14 14.98
C ARG C 227 -33.97 4.29 13.46
N SER C 228 -35.00 4.95 12.97
CA SER C 228 -35.14 5.32 11.58
C SER C 228 -35.41 6.81 11.49
N ASP C 229 -34.76 7.47 10.53
CA ASP C 229 -34.93 8.90 10.32
C ASP C 229 -35.14 9.16 8.84
N VAL C 230 -36.16 9.95 8.53
CA VAL C 230 -36.45 10.36 7.16
C VAL C 230 -36.37 11.88 7.09
N THR C 231 -35.63 12.38 6.12
CA THR C 231 -35.36 13.80 5.96
C THR C 231 -35.65 14.21 4.53
N VAL C 232 -36.46 15.26 4.37
CA VAL C 232 -36.76 15.81 3.05
C VAL C 232 -35.89 17.05 2.85
N LEU C 233 -35.13 17.06 1.76
CA LEU C 233 -34.19 18.12 1.46
C LEU C 233 -34.52 18.76 0.11
N ALA C 234 -34.24 20.05 0.00
CA ALA C 234 -34.21 20.75 -1.26
C ALA C 234 -32.75 21.01 -1.62
N SER C 235 -32.30 20.43 -2.73
CA SER C 235 -30.91 20.55 -3.18
C SER C 235 -30.89 21.48 -4.40
N ARG C 236 -30.43 22.71 -4.18
CA ARG C 236 -30.27 23.68 -5.26
C ARG C 236 -28.84 24.19 -5.24
N SER C 237 -28.25 24.34 -6.43
CA SER C 237 -26.91 24.91 -6.59
C SER C 237 -25.86 24.15 -5.78
N GLY C 238 -26.06 22.85 -5.61
CA GLY C 238 -25.13 22.05 -4.83
C GLY C 238 -25.19 22.27 -3.33
N MET C 239 -26.21 22.97 -2.84
CA MET C 239 -26.37 23.23 -1.42
C MET C 239 -27.72 22.66 -0.96
N TYR C 240 -27.74 22.15 0.27
CA TYR C 240 -28.87 21.39 0.79
C TYR C 240 -29.59 22.16 1.87
N THR C 241 -30.92 22.22 1.77
CA THR C 241 -31.78 22.79 2.80
C THR C 241 -32.77 21.73 3.24
N ILE C 242 -32.82 21.47 4.55
CA ILE C 242 -33.76 20.52 5.11
C ILE C 242 -35.15 21.18 5.19
N LEU C 243 -36.17 20.46 4.73
CA LEU C 243 -37.54 20.95 4.77
C LEU C 243 -38.37 20.34 5.90
N ALA C 244 -38.12 19.09 6.25
CA ALA C 244 -38.85 18.39 7.30
C ALA C 244 -38.12 17.10 7.64
N THR C 245 -38.22 16.69 8.91
CA THR C 245 -37.60 15.48 9.39
C THR C 245 -38.61 14.69 10.22
N VAL C 246 -38.49 13.37 10.18
CA VAL C 246 -39.33 12.48 10.98
C VAL C 246 -38.43 11.42 11.59
N HIS C 247 -38.62 11.15 12.88
CA HIS C 247 -37.85 10.15 13.61
C HIS C 247 -38.78 9.08 14.14
N ASP C 248 -38.31 7.84 14.14
CA ASP C 248 -39.08 6.72 14.68
C ASP C 248 -38.14 5.77 15.40
N TYR C 249 -38.63 5.16 16.47
CA TYR C 249 -37.84 4.22 17.27
C TYR C 249 -38.56 2.90 17.45
N GLU C 250 -39.65 2.66 16.74
CA GLU C 250 -40.37 1.40 16.77
C GLU C 250 -40.11 0.54 15.55
N TYR C 251 -39.84 1.15 14.38
CA TYR C 251 -39.64 0.44 13.12
C TYR C 251 -38.19 0.60 12.71
N HIS C 252 -37.43 -0.49 12.75
CA HIS C 252 -35.99 -0.45 12.52
C HIS C 252 -35.49 -1.88 12.35
N GLY C 253 -34.18 -2.01 12.18
CA GLY C 253 -33.59 -3.32 11.98
C GLY C 253 -33.78 -4.26 13.15
N ILE C 254 -33.78 -3.72 14.38
CA ILE C 254 -33.99 -4.56 15.56
C ILE C 254 -35.38 -5.16 15.53
N ALA C 255 -36.38 -4.40 15.09
CA ALA C 255 -37.73 -4.95 14.93
C ALA C 255 -37.75 -6.05 13.88
N LEU C 256 -36.86 -5.97 12.87
CA LEU C 256 -36.75 -7.04 11.89
C LEU C 256 -36.04 -8.26 12.48
N ASP C 257 -35.06 -8.03 13.35
CA ASP C 257 -34.46 -9.15 14.08
C ASP C 257 -35.51 -9.91 14.87
N LYS C 258 -36.41 -9.20 15.53
CA LYS C 258 -37.41 -9.84 16.38
C LYS C 258 -38.31 -10.76 15.56
N VAL C 259 -38.68 -10.34 14.35
CA VAL C 259 -39.55 -11.14 13.50
C VAL C 259 -38.90 -12.48 13.19
N LEU C 260 -37.59 -12.49 12.94
CA LEU C 260 -36.89 -13.74 12.68
C LEU C 260 -36.67 -14.55 13.95
N ILE C 261 -36.41 -13.87 15.08
CA ILE C 261 -36.26 -14.58 16.35
C ILE C 261 -37.54 -15.34 16.68
N ASP C 262 -38.68 -14.70 16.51
CA ASP C 262 -39.96 -15.35 16.80
C ASP C 262 -40.28 -16.44 15.79
N HIS C 263 -39.88 -16.25 14.54
CA HIS C 263 -40.14 -17.26 13.51
C HIS C 263 -39.41 -18.56 13.83
N PHE C 264 -38.13 -18.47 14.20
CA PHE C 264 -37.35 -19.68 14.43
C PHE C 264 -37.56 -20.24 15.83
N SER C 265 -37.96 -19.41 16.79
CA SER C 265 -38.28 -19.93 18.12
C SER C 265 -39.51 -20.83 18.06
N LYS C 266 -40.51 -20.45 17.28
CA LYS C 266 -41.67 -21.32 17.11
C LYS C 266 -41.28 -22.62 16.42
N GLU C 267 -40.34 -22.55 15.48
CA GLU C 267 -39.86 -23.77 14.83
C GLU C 267 -39.11 -24.66 15.81
N PHE C 268 -38.24 -24.07 16.63
CA PHE C 268 -37.50 -24.86 17.62
C PHE C 268 -38.44 -25.59 18.56
N LEU C 269 -39.46 -24.88 19.07
CA LEU C 269 -40.41 -25.51 19.98
C LEU C 269 -41.21 -26.60 19.27
N LYS C 270 -41.60 -26.36 18.00
CA LYS C 270 -42.33 -27.39 17.27
C LYS C 270 -41.47 -28.61 16.99
N LYS C 271 -40.16 -28.41 16.76
CA LYS C 271 -39.26 -29.52 16.52
C LYS C 271 -38.85 -30.22 17.81
N ASN C 272 -38.93 -29.53 18.95
CA ASN C 272 -38.53 -30.07 20.24
C ASN C 272 -39.70 -29.93 21.21
N PRO C 273 -40.69 -30.82 21.13
CA PRO C 273 -41.83 -30.73 22.05
C PRO C 273 -41.40 -30.94 23.50
N GLY C 274 -41.81 -30.01 24.37
CA GLY C 274 -41.47 -30.05 25.77
C GLY C 274 -40.28 -29.20 26.17
N ALA C 275 -39.55 -28.64 25.20
CA ALA C 275 -38.35 -27.88 25.50
C ALA C 275 -38.71 -26.47 25.98
N LYS C 276 -37.76 -25.84 26.65
CA LYS C 276 -37.95 -24.50 27.18
C LYS C 276 -37.81 -23.46 26.07
N ASP C 277 -38.65 -22.44 26.13
CA ASP C 277 -38.64 -21.38 25.14
C ASP C 277 -37.32 -20.62 25.21
N PRO C 278 -36.49 -20.63 24.17
CA PRO C 278 -35.18 -19.96 24.26
C PRO C 278 -35.28 -18.45 24.42
N ARG C 279 -36.44 -17.86 24.10
CA ARG C 279 -36.62 -16.42 24.28
C ARG C 279 -36.73 -16.02 25.73
N GLU C 280 -37.06 -16.96 26.62
CA GLU C 280 -37.19 -16.68 28.05
C GLU C 280 -35.88 -16.82 28.80
N ASN C 281 -34.87 -17.44 28.18
CA ASN C 281 -33.55 -17.56 28.79
C ASN C 281 -32.65 -16.47 28.24
N PRO C 282 -32.11 -15.57 29.06
CA PRO C 282 -31.30 -14.46 28.50
C PRO C 282 -30.10 -14.93 27.70
N ARG C 283 -29.44 -16.01 28.11
CA ARG C 283 -28.30 -16.52 27.35
C ARG C 283 -28.74 -17.06 26.00
N SER C 284 -29.87 -17.77 25.97
CA SER C 284 -30.39 -18.29 24.70
C SER C 284 -30.87 -17.16 23.80
N LEU C 285 -31.51 -16.14 24.40
CA LEU C 285 -32.01 -15.01 23.62
C LEU C 285 -30.86 -14.25 22.97
N ALA C 286 -29.72 -14.14 23.67
CA ALA C 286 -28.56 -13.50 23.09
C ALA C 286 -28.03 -14.28 21.89
N LYS C 287 -28.00 -15.61 22.00
CA LYS C 287 -27.60 -16.43 20.86
C LYS C 287 -28.56 -16.26 19.69
N LEU C 288 -29.86 -16.18 19.97
CA LEU C 288 -30.85 -15.99 18.91
C LEU C 288 -30.69 -14.64 18.24
N ARG C 289 -30.31 -13.59 18.98
CA ARG C 289 -30.16 -12.27 18.38
C ARG C 289 -29.03 -12.23 17.38
N LEU C 290 -27.87 -12.75 17.76
CA LEU C 290 -26.72 -12.72 16.87
C LEU C 290 -27.00 -13.48 15.58
N GLU C 291 -27.59 -14.67 15.68
CA GLU C 291 -27.84 -15.48 14.49
C GLU C 291 -28.97 -14.91 13.65
N ALA C 292 -29.99 -14.33 14.30
CA ALA C 292 -31.10 -13.74 13.53
C ALA C 292 -30.61 -12.57 12.68
N GLU C 293 -29.77 -11.71 13.25
CA GLU C 293 -29.20 -10.61 12.48
C GLU C 293 -28.33 -11.13 11.36
N SER C 294 -27.54 -12.17 11.64
CA SER C 294 -26.68 -12.76 10.61
C SER C 294 -27.50 -13.34 9.47
N THR C 295 -28.60 -14.03 9.81
CA THR C 295 -29.49 -14.57 8.78
C THR C 295 -30.19 -13.46 8.02
N LYS C 296 -30.55 -12.37 8.71
CA LYS C 296 -31.25 -11.26 8.07
C LYS C 296 -30.38 -10.60 7.01
N ARG C 297 -29.09 -10.41 7.30
CA ARG C 297 -28.19 -9.82 6.32
C ARG C 297 -28.04 -10.72 5.10
N ALA C 298 -27.97 -12.03 5.31
CA ALA C 298 -27.82 -12.96 4.20
C ALA C 298 -29.01 -12.88 3.25
N LEU C 299 -30.21 -12.60 3.77
CA LEU C 299 -31.40 -12.49 2.95
C LEU C 299 -31.40 -11.23 2.08
N SER C 300 -30.41 -10.35 2.24
CA SER C 300 -30.29 -9.21 1.34
C SER C 300 -29.43 -9.53 0.12
N ARG C 301 -28.53 -10.51 0.23
CA ARG C 301 -27.70 -10.97 -0.88
C ARG C 301 -28.26 -12.23 -1.56
N SER C 302 -28.85 -13.13 -0.79
CA SER C 302 -29.33 -14.41 -1.29
C SER C 302 -30.83 -14.55 -1.04
N THR C 303 -31.47 -15.38 -1.86
CA THR C 303 -32.89 -15.69 -1.70
C THR C 303 -33.15 -16.72 -0.61
N ASN C 304 -32.11 -17.35 -0.08
CA ASN C 304 -32.22 -18.30 1.02
C ASN C 304 -31.12 -18.02 2.02
N ALA C 305 -31.37 -18.39 3.27
CA ALA C 305 -30.39 -18.17 4.33
C ALA C 305 -30.60 -19.20 5.42
N SER C 306 -29.50 -19.76 5.91
CA SER C 306 -29.56 -20.72 7.00
C SER C 306 -29.66 -19.98 8.34
N PHE C 307 -30.15 -20.70 9.35
CA PHE C 307 -30.24 -20.21 10.72
C PHE C 307 -29.92 -21.39 11.62
N SER C 308 -28.78 -21.33 12.31
CA SER C 308 -28.36 -22.42 13.18
C SER C 308 -27.69 -21.88 14.43
N VAL C 309 -28.00 -22.50 15.56
CA VAL C 309 -27.37 -22.20 16.84
C VAL C 309 -26.98 -23.53 17.48
N GLU C 310 -25.70 -23.70 17.75
CA GLU C 310 -25.23 -24.88 18.49
C GLU C 310 -25.55 -24.71 19.97
N SER C 311 -26.13 -25.75 20.57
CA SER C 311 -26.47 -25.77 21.99
C SER C 311 -27.24 -24.50 22.39
N LEU C 312 -28.44 -24.41 21.82
CA LEU C 312 -29.26 -23.22 22.02
C LEU C 312 -29.77 -23.14 23.45
N ILE C 313 -30.43 -24.20 23.93
CA ILE C 313 -30.96 -24.23 25.28
C ILE C 313 -31.05 -25.68 25.72
N ASP C 314 -30.65 -25.94 26.97
CA ASP C 314 -30.63 -27.30 27.53
C ASP C 314 -29.81 -28.25 26.69
N GLY C 315 -28.74 -27.74 26.06
CA GLY C 315 -27.87 -28.57 25.25
C GLY C 315 -28.41 -28.98 23.90
N LEU C 316 -29.51 -28.37 23.45
CA LEU C 316 -30.16 -28.73 22.20
C LEU C 316 -29.70 -27.82 21.08
N ASP C 317 -29.26 -28.42 19.97
CA ASP C 317 -28.91 -27.68 18.77
C ASP C 317 -30.17 -27.34 17.97
N PHE C 318 -30.01 -26.39 17.06
CA PHE C 318 -31.09 -26.04 16.14
C PHE C 318 -30.47 -25.55 14.83
N ALA C 319 -31.11 -25.91 13.72
CA ALA C 319 -30.65 -25.53 12.40
C ALA C 319 -31.84 -25.56 11.45
N SER C 320 -32.03 -24.47 10.72
CA SER C 320 -33.14 -24.36 9.78
C SER C 320 -32.75 -23.35 8.71
N THR C 321 -33.68 -23.10 7.79
CA THR C 321 -33.49 -22.11 6.74
C THR C 321 -34.78 -21.33 6.56
N ILE C 322 -34.68 -20.21 5.84
CA ILE C 322 -35.83 -19.39 5.49
C ILE C 322 -35.54 -18.77 4.14
N ASN C 323 -36.57 -18.70 3.29
CA ASN C 323 -36.40 -18.05 2.00
C ASN C 323 -36.84 -16.60 2.10
N ARG C 324 -36.42 -15.80 1.12
CA ARG C 324 -36.62 -14.35 1.20
C ARG C 324 -38.09 -14.00 1.20
N LEU C 325 -38.90 -14.64 0.35
CA LEU C 325 -40.32 -14.29 0.27
C LEU C 325 -41.04 -14.58 1.58
N ARG C 326 -40.69 -15.68 2.25
CA ARG C 326 -41.25 -15.95 3.56
C ARG C 326 -40.81 -14.92 4.59
N TYR C 327 -39.58 -14.41 4.47
CA TYR C 327 -39.13 -13.35 5.37
C TYR C 327 -39.90 -12.06 5.14
N GLU C 328 -40.14 -11.72 3.87
CA GLU C 328 -40.89 -10.50 3.57
C GLU C 328 -42.33 -10.61 4.02
N THR C 329 -42.90 -11.82 4.03
CA THR C 329 -44.27 -12.01 4.47
C THR C 329 -44.42 -11.70 5.96
N ILE C 330 -43.58 -12.33 6.79
CA ILE C 330 -43.68 -12.13 8.23
C ILE C 330 -43.17 -10.76 8.65
N ALA C 331 -42.41 -10.07 7.80
CA ALA C 331 -41.88 -8.75 8.09
C ALA C 331 -42.70 -7.62 7.49
N ARG C 332 -43.85 -7.94 6.88
CA ARG C 332 -44.63 -6.92 6.18
C ARG C 332 -45.08 -5.80 7.12
N THR C 333 -45.40 -6.14 8.38
CA THR C 333 -45.84 -5.12 9.33
C THR C 333 -44.74 -4.08 9.58
N VAL C 334 -43.49 -4.54 9.67
CA VAL C 334 -42.38 -3.60 9.88
C VAL C 334 -42.09 -2.83 8.59
N PHE C 335 -42.15 -3.50 7.45
CA PHE C 335 -41.93 -2.81 6.17
C PHE C 335 -42.94 -1.71 5.96
N GLU C 336 -44.22 -1.95 6.31
CA GLU C 336 -45.23 -0.93 6.15
C GLU C 336 -44.99 0.26 7.07
N GLY C 337 -44.29 0.04 8.19
CA GLY C 337 -43.89 1.17 9.03
C GLY C 337 -42.96 2.11 8.31
N PHE C 338 -41.99 1.58 7.55
CA PHE C 338 -41.10 2.42 6.78
C PHE C 338 -41.86 3.21 5.72
N ASN C 339 -42.88 2.60 5.12
CA ASN C 339 -43.71 3.31 4.14
C ASN C 339 -44.38 4.53 4.77
N ARG C 340 -45.08 4.32 5.88
CA ARG C 340 -45.76 5.44 6.55
C ARG C 340 -44.77 6.49 7.01
N LEU C 341 -43.53 6.09 7.30
CA LEU C 341 -42.50 7.05 7.70
C LEU C 341 -42.17 8.01 6.57
N VAL C 342 -41.88 7.46 5.38
CA VAL C 342 -41.49 8.30 4.26
C VAL C 342 -42.65 9.22 3.85
N GLU C 343 -43.87 8.69 3.85
CA GLU C 343 -45.02 9.51 3.50
C GLU C 343 -45.23 10.62 4.54
N SER C 344 -44.99 10.31 5.82
CA SER C 344 -45.10 11.33 6.86
C SER C 344 -44.16 12.49 6.59
N ALA C 345 -42.90 12.18 6.26
CA ALA C 345 -41.90 13.23 6.05
C ALA C 345 -42.26 14.10 4.85
N VAL C 346 -42.64 13.47 3.73
CA VAL C 346 -43.06 14.22 2.55
C VAL C 346 -44.25 15.11 2.88
N LYS C 347 -45.25 14.56 3.57
CA LYS C 347 -46.44 15.33 3.92
C LYS C 347 -46.10 16.41 4.95
N LYS C 348 -45.19 16.11 5.88
CA LYS C 348 -44.77 17.10 6.87
C LYS C 348 -44.04 18.27 6.21
N ALA C 349 -43.36 18.02 5.09
CA ALA C 349 -42.74 19.09 4.33
C ALA C 349 -43.71 19.85 3.45
N GLY C 350 -45.01 19.55 3.55
CA GLY C 350 -46.00 20.22 2.73
C GLY C 350 -45.98 19.81 1.27
N LEU C 351 -45.39 18.67 0.95
CA LEU C 351 -45.21 18.22 -0.42
C LEU C 351 -46.06 16.99 -0.71
N ASP C 352 -45.80 16.38 -1.86
CA ASP C 352 -46.50 15.22 -2.37
C ASP C 352 -45.45 14.32 -3.02
N PRO C 353 -45.65 12.99 -2.97
CA PRO C 353 -44.68 12.09 -3.62
C PRO C 353 -44.32 12.49 -5.04
N LEU C 354 -45.26 13.09 -5.77
CA LEU C 354 -44.96 13.60 -7.12
C LEU C 354 -43.95 14.74 -7.11
N ASP C 355 -43.75 15.39 -5.96
CA ASP C 355 -42.79 16.48 -5.87
C ASP C 355 -41.36 16.00 -5.63
N VAL C 356 -41.15 14.71 -5.38
CA VAL C 356 -39.85 14.17 -5.01
C VAL C 356 -39.14 13.67 -6.25
N ASP C 357 -37.87 14.06 -6.40
CA ASP C 357 -37.06 13.66 -7.53
C ASP C 357 -36.12 12.50 -7.24
N GLU C 358 -35.74 12.30 -5.98
CA GLU C 358 -34.74 11.30 -5.65
C GLU C 358 -35.00 10.79 -4.23
N VAL C 359 -34.76 9.49 -4.04
CA VAL C 359 -34.83 8.86 -2.73
C VAL C 359 -33.48 8.20 -2.48
N ILE C 360 -32.71 8.76 -1.54
CA ILE C 360 -31.44 8.19 -1.14
C ILE C 360 -31.70 7.31 0.08
N MET C 361 -31.43 6.02 -0.06
CA MET C 361 -31.66 5.06 1.01
C MET C 361 -30.34 4.83 1.74
N SER C 362 -30.34 5.11 3.05
CA SER C 362 -29.16 5.10 3.87
C SER C 362 -29.39 4.18 5.06
N GLY C 363 -28.30 3.77 5.70
CA GLY C 363 -28.36 2.89 6.85
C GLY C 363 -28.37 1.43 6.47
N GLY C 364 -28.06 0.59 7.47
CA GLY C 364 -27.88 -0.82 7.21
C GLY C 364 -29.14 -1.52 6.73
N THR C 365 -30.29 -1.11 7.28
CA THR C 365 -31.55 -1.73 6.88
C THR C 365 -31.89 -1.41 5.43
N SER C 366 -31.37 -0.32 4.90
CA SER C 366 -31.65 0.07 3.52
C SER C 366 -31.00 -0.86 2.51
N ASN C 367 -30.32 -1.90 2.99
CA ASN C 367 -29.83 -2.98 2.14
C ASN C 367 -30.90 -3.99 1.80
N THR C 368 -32.08 -3.89 2.41
CA THR C 368 -33.14 -4.88 2.22
C THR C 368 -33.84 -4.65 0.88
N PRO C 369 -33.77 -5.60 -0.06
CA PRO C 369 -34.34 -5.33 -1.39
C PRO C 369 -35.80 -4.96 -1.38
N ARG C 370 -36.61 -5.58 -0.52
CA ARG C 370 -38.05 -5.35 -0.54
C ARG C 370 -38.40 -3.91 -0.23
N ILE C 371 -37.65 -3.28 0.68
CA ILE C 371 -37.95 -1.89 1.06
C ILE C 371 -37.81 -0.97 -0.14
N ALA C 372 -36.72 -1.13 -0.90
CA ALA C 372 -36.54 -0.33 -2.11
C ALA C 372 -37.69 -0.53 -3.09
N ALA C 373 -38.12 -1.79 -3.25
CA ALA C 373 -39.27 -2.06 -4.12
C ALA C 373 -40.54 -1.42 -3.58
N ASN C 374 -40.68 -1.38 -2.25
CA ASN C 374 -41.85 -0.73 -1.66
C ASN C 374 -41.83 0.78 -1.91
N PHE C 375 -40.66 1.40 -1.83
CA PHE C 375 -40.56 2.84 -2.07
C PHE C 375 -40.81 3.17 -3.53
N ARG C 376 -40.27 2.35 -4.45
CA ARG C 376 -40.50 2.56 -5.86
C ARG C 376 -41.99 2.54 -6.20
N TYR C 377 -42.76 1.77 -5.43
CA TYR C 377 -44.21 1.76 -5.61
C TYR C 377 -44.86 3.03 -5.04
N ILE C 378 -44.21 3.67 -4.07
CA ILE C 378 -44.78 4.87 -3.44
C ILE C 378 -44.70 6.06 -4.38
N PHE C 379 -43.55 6.25 -5.01
CA PHE C 379 -43.24 7.41 -5.80
C PHE C 379 -43.46 7.16 -7.28
N PRO C 380 -43.66 8.20 -8.08
CA PRO C 380 -43.77 8.02 -9.53
C PRO C 380 -42.48 7.46 -10.11
N GLU C 381 -42.59 7.01 -11.37
CA GLU C 381 -41.43 6.38 -12.00
C GLU C 381 -40.34 7.37 -12.35
N SER C 382 -40.67 8.67 -12.44
CA SER C 382 -39.62 9.67 -12.63
C SER C 382 -38.71 9.77 -11.41
N THR C 383 -39.22 9.45 -10.22
CA THR C 383 -38.40 9.50 -9.02
C THR C 383 -37.36 8.39 -9.05
N ARG C 384 -36.11 8.74 -8.74
CA ARG C 384 -35.02 7.80 -8.73
C ARG C 384 -34.86 7.20 -7.34
N ILE C 385 -34.82 5.87 -7.26
CA ILE C 385 -34.64 5.16 -6.00
C ILE C 385 -33.20 4.69 -5.96
N LEU C 386 -32.37 5.38 -5.18
CA LEU C 386 -30.94 5.06 -5.07
C LEU C 386 -30.77 3.98 -4.01
N ALA C 387 -30.84 2.73 -4.46
CA ALA C 387 -30.58 1.55 -3.64
C ALA C 387 -29.94 0.51 -4.54
N PRO C 388 -29.15 -0.41 -3.98
CA PRO C 388 -28.42 -1.35 -4.85
C PRO C 388 -29.30 -2.19 -5.75
N SER C 389 -30.56 -2.44 -5.37
CA SER C 389 -31.44 -3.29 -6.17
C SER C 389 -32.29 -2.53 -7.17
N THR C 390 -32.37 -1.20 -7.05
CA THR C 390 -33.19 -0.39 -7.95
C THR C 390 -32.43 0.59 -8.81
N ASP C 391 -31.11 0.74 -8.62
CA ASP C 391 -30.34 1.67 -9.43
C ASP C 391 -28.91 1.17 -9.57
N PRO C 392 -28.36 1.16 -10.80
CA PRO C 392 -27.01 0.62 -11.00
C PRO C 392 -25.89 1.53 -10.50
N SER C 393 -26.17 2.78 -10.17
CA SER C 393 -25.15 3.71 -9.70
C SER C 393 -25.26 3.97 -8.21
N ALA C 394 -25.95 3.11 -7.47
CA ALA C 394 -26.11 3.28 -6.04
C ALA C 394 -24.89 2.77 -5.28
N LEU C 395 -24.52 3.50 -4.23
CA LEU C 395 -23.46 3.06 -3.34
C LEU C 395 -24.03 2.17 -2.24
N ASN C 396 -23.14 1.51 -1.51
CA ASN C 396 -23.55 0.71 -0.37
C ASN C 396 -24.26 1.61 0.65
N PRO C 397 -25.53 1.35 0.97
CA PRO C 397 -26.26 2.25 1.88
C PRO C 397 -25.62 2.42 3.24
N SER C 398 -24.75 1.50 3.66
CA SER C 398 -24.10 1.61 4.96
C SER C 398 -22.84 2.46 4.94
N GLU C 399 -22.41 2.93 3.76
CA GLU C 399 -21.19 3.72 3.65
C GLU C 399 -21.44 5.20 3.41
N LEU C 400 -22.69 5.59 3.08
CA LEU C 400 -22.97 6.95 2.65
C LEU C 400 -22.52 7.96 3.70
N GLN C 401 -22.90 7.74 4.96
CA GLN C 401 -22.63 8.73 6.00
C GLN C 401 -21.13 8.88 6.24
N ALA C 402 -20.39 7.77 6.32
CA ALA C 402 -18.95 7.85 6.54
C ALA C 402 -18.24 8.47 5.33
N ARG C 403 -18.68 8.11 4.12
CA ARG C 403 -18.11 8.74 2.93
C ARG C 403 -18.33 10.25 2.96
N GLY C 404 -19.56 10.68 3.27
CA GLY C 404 -19.84 12.11 3.31
C GLY C 404 -18.97 12.83 4.31
N ALA C 405 -18.78 12.27 5.50
CA ALA C 405 -17.93 12.90 6.50
C ALA C 405 -16.49 12.98 6.02
N ALA C 406 -16.00 11.94 5.34
CA ALA C 406 -14.64 11.96 4.82
C ALA C 406 -14.47 13.04 3.74
N LEU C 407 -15.44 13.16 2.85
CA LEU C 407 -15.37 14.19 1.81
C LEU C 407 -15.43 15.59 2.42
N GLN C 408 -16.28 15.77 3.44
CA GLN C 408 -16.36 17.06 4.11
C GLN C 408 -15.07 17.37 4.86
N ALA C 409 -14.47 16.35 5.47
CA ALA C 409 -13.21 16.55 6.20
C ALA C 409 -12.10 16.97 5.25
N SER C 410 -12.09 16.43 4.03
CA SER C 410 -11.04 16.78 3.08
C SER C 410 -11.16 18.22 2.60
N LEU C 411 -12.40 18.74 2.50
CA LEU C 411 -12.58 20.09 1.98
C LEU C 411 -12.11 21.15 2.98
N ILE C 412 -12.22 20.88 4.28
CA ILE C 412 -11.94 21.88 5.31
C ILE C 412 -10.68 21.55 6.09
N GLN C 413 -9.94 20.51 5.68
CA GLN C 413 -8.82 20.02 6.48
C GLN C 413 -7.73 21.06 6.68
N GLU C 414 -7.68 22.10 5.85
CA GLU C 414 -6.70 23.16 6.00
C GLU C 414 -7.31 24.48 6.44
N PHE C 415 -8.63 24.53 6.60
CA PHE C 415 -9.27 25.68 7.23
C PHE C 415 -8.85 25.78 8.68
N GLU C 416 -8.63 27.00 9.15
CA GLU C 416 -8.47 27.21 10.58
C GLU C 416 -9.80 26.97 11.27
N THR C 417 -9.75 26.41 12.49
CA THR C 417 -10.98 26.12 13.22
C THR C 417 -11.79 27.38 13.49
N GLU C 418 -11.15 28.55 13.51
CA GLU C 418 -11.89 29.80 13.61
C GLU C 418 -12.78 30.00 12.39
N ASP C 419 -12.25 29.72 11.20
CA ASP C 419 -13.04 29.87 9.97
C ASP C 419 -14.19 28.88 9.93
N ILE C 420 -13.94 27.62 10.32
CA ILE C 420 -14.98 26.60 10.26
C ILE C 420 -16.15 26.98 11.18
N GLU C 421 -15.83 27.45 12.39
CA GLU C 421 -16.89 27.84 13.31
C GLU C 421 -17.70 29.01 12.77
N GLN C 422 -17.01 30.00 12.18
CA GLN C 422 -17.71 31.14 11.60
C GLN C 422 -18.60 30.72 10.44
N SER C 423 -18.15 29.73 9.65
CA SER C 423 -18.93 29.28 8.50
C SER C 423 -20.26 28.66 8.89
N THR C 424 -20.41 28.22 10.14
CA THR C 424 -21.63 27.57 10.61
C THR C 424 -22.55 28.50 11.38
N HIS C 425 -22.18 29.78 11.51
CA HIS C 425 -23.06 30.74 12.17
C HIS C 425 -24.30 31.00 11.31
N ALA C 426 -25.38 31.42 11.97
CA ALA C 426 -26.63 31.66 11.26
C ALA C 426 -26.51 32.79 10.23
N ALA C 427 -25.52 33.67 10.38
CA ALA C 427 -25.32 34.73 9.41
C ALA C 427 -24.92 34.18 8.05
N VAL C 428 -24.31 33.01 8.02
CA VAL C 428 -23.87 32.38 6.77
C VAL C 428 -24.87 31.33 6.28
N THR C 429 -25.48 30.59 7.21
CA THR C 429 -26.33 29.47 6.81
C THR C 429 -27.74 29.91 6.45
N THR C 430 -28.21 31.03 6.97
CA THR C 430 -29.59 31.47 6.79
C THR C 430 -29.67 32.48 5.66
N MET C 431 -30.46 32.17 4.64
CA MET C 431 -30.63 33.03 3.48
C MET C 431 -32.06 32.93 3.01
N PRO C 432 -32.55 33.93 2.27
CA PRO C 432 -33.91 33.85 1.72
C PRO C 432 -34.03 32.76 0.66
N HIS C 433 -35.09 31.97 0.77
CA HIS C 433 -35.44 30.97 -0.23
C HIS C 433 -36.71 31.42 -0.93
N VAL C 434 -36.63 31.60 -2.25
CA VAL C 434 -37.82 31.94 -3.02
C VAL C 434 -38.83 30.80 -2.91
N THR C 435 -40.08 31.16 -2.60
CA THR C 435 -41.11 30.14 -2.40
C THR C 435 -41.55 29.53 -3.73
N ASN C 436 -41.97 30.37 -4.66
CA ASN C 436 -42.47 29.91 -5.95
C ASN C 436 -41.33 29.82 -6.96
N ALA C 437 -41.68 29.52 -8.20
CA ALA C 437 -40.72 29.39 -9.28
C ALA C 437 -40.77 30.60 -10.20
N ILE C 438 -39.65 30.90 -10.84
CA ILE C 438 -39.54 31.97 -11.83
C ILE C 438 -39.17 31.33 -13.16
N GLY C 439 -39.95 31.63 -14.19
CA GLY C 439 -39.70 31.05 -15.49
C GLY C 439 -40.32 31.85 -16.61
N VAL C 440 -40.34 31.24 -17.79
CA VAL C 440 -40.85 31.87 -19.00
C VAL C 440 -42.03 31.06 -19.52
N VAL C 441 -42.84 31.71 -20.36
CA VAL C 441 -44.05 31.12 -20.92
C VAL C 441 -43.73 30.55 -22.29
N SER C 442 -44.18 29.33 -22.55
CA SER C 442 -44.05 28.67 -23.85
C SER C 442 -45.42 28.57 -24.50
N VAL C 443 -45.46 28.81 -25.81
CA VAL C 443 -46.71 28.89 -26.55
C VAL C 443 -46.64 27.95 -27.74
N SER C 444 -47.73 27.21 -27.97
CA SER C 444 -47.91 26.41 -29.17
C SER C 444 -49.33 26.64 -29.68
N GLU C 445 -49.79 25.79 -30.59
CA GLU C 445 -51.14 25.88 -31.11
C GLU C 445 -51.98 24.70 -30.63
N LYS C 450 -47.58 26.84 -21.97
CA LYS C 450 -47.00 26.04 -20.89
C LYS C 450 -45.84 26.77 -20.21
N PHE C 451 -45.74 26.59 -18.89
CA PHE C 451 -44.74 27.28 -18.08
C PHE C 451 -43.45 26.47 -18.04
N VAL C 452 -42.33 27.15 -18.26
CA VAL C 452 -41.01 26.54 -18.22
C VAL C 452 -40.28 27.07 -16.99
N PRO C 453 -40.03 26.25 -15.97
CA PRO C 453 -39.36 26.75 -14.76
C PRO C 453 -37.87 26.99 -15.00
N ILE C 454 -37.36 28.05 -14.38
CA ILE C 454 -35.96 28.40 -14.49
C ILE C 454 -35.35 28.41 -13.09
N ILE C 455 -35.90 29.25 -12.21
CA ILE C 455 -35.56 29.23 -10.79
C ILE C 455 -36.54 28.29 -10.10
N ALA C 456 -36.03 27.20 -9.54
CA ALA C 456 -36.88 26.20 -8.90
C ALA C 456 -37.41 26.73 -7.57
N PRO C 457 -38.53 26.18 -7.09
CA PRO C 457 -39.03 26.58 -5.77
C PRO C 457 -38.03 26.23 -4.67
N GLU C 458 -38.02 27.05 -3.62
CA GLU C 458 -37.16 26.88 -2.46
C GLU C 458 -35.68 26.94 -2.85
N THR C 459 -35.35 27.95 -3.66
CA THR C 459 -33.98 28.18 -4.10
C THR C 459 -33.38 29.30 -3.26
N ALA C 460 -32.31 28.99 -2.53
CA ALA C 460 -31.61 30.01 -1.76
C ALA C 460 -30.93 31.01 -2.70
N VAL C 461 -31.00 32.29 -2.33
CA VAL C 461 -30.44 33.37 -3.13
C VAL C 461 -29.21 33.92 -2.42
N PRO C 462 -28.23 34.47 -3.15
CA PRO C 462 -28.19 34.70 -4.60
C PRO C 462 -28.10 33.41 -5.42
N ALA C 463 -28.70 33.43 -6.61
CA ALA C 463 -28.71 32.25 -7.47
C ALA C 463 -28.82 32.70 -8.93
N ARG C 464 -28.44 31.79 -9.82
CA ARG C 464 -28.49 32.06 -11.25
C ARG C 464 -28.81 30.75 -11.98
N ARG C 465 -29.80 30.80 -12.86
CA ARG C 465 -30.19 29.66 -13.66
C ARG C 465 -30.34 30.09 -15.11
N THR C 466 -29.93 29.22 -16.02
CA THR C 466 -29.91 29.52 -17.45
C THR C 466 -30.58 28.38 -18.20
N VAL C 467 -31.51 28.72 -19.10
CA VAL C 467 -32.22 27.74 -19.91
C VAL C 467 -32.08 28.13 -21.37
N HIS C 468 -31.98 27.13 -22.24
CA HIS C 468 -31.95 27.33 -23.68
C HIS C 468 -33.25 26.80 -24.26
N LEU C 469 -34.00 27.68 -24.93
CA LEU C 469 -35.28 27.32 -25.51
C LEU C 469 -35.22 27.40 -27.03
N ASP C 470 -36.16 26.71 -27.66
CA ASP C 470 -36.31 26.77 -29.10
C ASP C 470 -36.94 28.10 -29.51
N ALA C 471 -36.47 28.66 -30.63
CA ALA C 471 -37.09 29.82 -31.20
C ALA C 471 -38.42 29.42 -31.84
N PRO C 472 -39.27 30.38 -32.19
CA PRO C 472 -40.47 30.04 -32.97
C PRO C 472 -40.11 29.34 -34.27
N LYS C 473 -41.08 28.62 -34.83
CA LYS C 473 -40.83 27.86 -36.05
C LYS C 473 -40.35 28.76 -37.17
N GLU C 474 -40.88 29.98 -37.26
CA GLU C 474 -40.42 30.92 -38.27
C GLU C 474 -39.16 31.67 -37.81
N GLY C 475 -39.02 31.89 -36.50
CA GLY C 475 -37.88 32.64 -35.99
C GLY C 475 -38.12 34.13 -36.02
N GLY C 476 -37.01 34.88 -36.01
CA GLY C 476 -37.08 36.32 -36.11
C GLY C 476 -37.22 37.06 -34.79
N ASP C 477 -38.42 37.53 -34.49
CA ASP C 477 -38.69 38.28 -33.27
C ASP C 477 -39.24 37.34 -32.21
N VAL C 478 -38.66 37.39 -31.01
CA VAL C 478 -38.94 36.46 -29.93
C VAL C 478 -39.45 37.22 -28.72
N LEU C 479 -40.47 36.68 -28.06
CA LEU C 479 -41.03 37.24 -26.84
C LEU C 479 -40.61 36.41 -25.64
N VAL C 480 -39.83 37.00 -24.75
CA VAL C 480 -39.42 36.37 -23.50
C VAL C 480 -40.28 36.96 -22.39
N LYS C 481 -41.20 36.16 -21.85
CA LYS C 481 -42.16 36.60 -20.85
C LYS C 481 -41.83 35.90 -19.53
N VAL C 482 -41.12 36.60 -18.63
CA VAL C 482 -40.75 36.05 -17.34
C VAL C 482 -41.93 36.20 -16.38
N VAL C 483 -42.40 35.08 -15.83
CA VAL C 483 -43.56 35.05 -14.95
C VAL C 483 -43.25 34.21 -13.73
N GLU C 484 -44.16 34.24 -12.76
CA GLU C 484 -44.10 33.38 -11.59
C GLU C 484 -44.92 32.12 -11.83
N GLY C 485 -44.53 31.05 -11.16
CA GLY C 485 -45.21 29.77 -11.33
C GLY C 485 -45.18 28.98 -10.04
N SER C 486 -46.20 28.13 -9.89
CA SER C 486 -46.29 27.24 -8.73
C SER C 486 -46.81 25.88 -9.18
N THR C 487 -46.51 24.86 -8.38
CA THR C 487 -46.96 23.50 -8.68
C THR C 487 -48.30 23.23 -8.01
N HIS C 488 -49.13 22.45 -8.70
CA HIS C 488 -50.44 22.09 -8.20
C HIS C 488 -50.70 20.64 -8.53
N ILE C 489 -51.38 19.93 -7.64
CA ILE C 489 -51.71 18.52 -7.83
C ILE C 489 -53.19 18.42 -8.19
N ASN C 490 -53.46 17.91 -9.38
CA ASN C 490 -54.82 17.67 -9.85
C ASN C 490 -55.09 16.17 -9.87
N VAL C 491 -56.25 15.78 -9.35
CA VAL C 491 -56.62 14.37 -9.30
C VAL C 491 -57.65 14.03 -10.37
N GLU C 532 -57.46 6.28 -9.25
CA GLU C 532 -57.41 7.52 -8.49
C GLU C 532 -56.04 8.18 -8.64
N LYS C 533 -55.48 8.13 -9.84
CA LYS C 533 -54.14 8.62 -10.10
C LYS C 533 -54.12 10.15 -10.13
N ARG C 534 -52.98 10.71 -9.75
CA ARG C 534 -52.82 12.16 -9.60
C ARG C 534 -51.80 12.67 -10.61
N GLU C 535 -51.74 14.00 -10.72
CA GLU C 535 -50.92 14.65 -11.73
C GLU C 535 -50.40 15.98 -11.19
N LYS C 536 -49.12 16.25 -11.44
CA LYS C 536 -48.49 17.50 -11.04
C LYS C 536 -48.49 18.46 -12.23
N VAL C 537 -48.97 19.68 -12.01
CA VAL C 537 -49.12 20.67 -13.07
C VAL C 537 -48.64 22.02 -12.56
N TRP C 538 -48.09 22.83 -13.47
CA TRP C 538 -47.70 24.19 -13.16
C TRP C 538 -48.85 25.15 -13.44
N LYS C 539 -49.02 26.12 -12.56
CA LYS C 539 -49.99 27.19 -12.73
C LYS C 539 -49.25 28.52 -12.83
N ILE C 540 -49.49 29.24 -13.92
CA ILE C 540 -48.78 30.50 -14.16
C ILE C 540 -49.35 31.58 -13.27
N GLY C 541 -48.48 32.29 -12.56
CA GLY C 541 -48.84 33.38 -11.69
C GLY C 541 -48.67 34.74 -12.35
N SER C 542 -48.40 35.74 -11.53
CA SER C 542 -48.31 37.12 -12.02
C SER C 542 -47.06 37.30 -12.87
N THR C 543 -47.12 38.31 -13.75
CA THR C 543 -46.04 38.57 -14.69
C THR C 543 -44.96 39.42 -14.03
N LEU C 544 -43.70 39.04 -14.27
CA LEU C 544 -42.56 39.78 -13.76
C LEU C 544 -41.98 40.74 -14.78
N ALA C 545 -41.77 40.28 -16.02
CA ALA C 545 -41.17 41.13 -17.05
C ALA C 545 -41.49 40.55 -18.42
N GLU C 546 -41.41 41.42 -19.42
CA GLU C 546 -41.51 41.04 -20.83
C GLU C 546 -40.37 41.67 -21.60
N ALA C 547 -39.63 40.86 -22.36
CA ALA C 547 -38.51 41.33 -23.15
C ALA C 547 -38.66 40.82 -24.58
N ALA C 548 -37.75 41.23 -25.45
CA ALA C 548 -37.80 40.86 -26.85
C ALA C 548 -36.39 40.62 -27.38
N VAL C 549 -36.25 39.56 -28.17
CA VAL C 549 -35.01 39.26 -28.89
C VAL C 549 -35.32 39.22 -30.37
N ARG C 550 -34.57 39.99 -31.16
CA ARG C 550 -34.87 40.20 -32.57
C ARG C 550 -33.71 39.71 -33.44
N GLY C 551 -34.05 39.11 -34.58
CA GLY C 551 -33.06 38.67 -35.55
C GLY C 551 -32.56 37.26 -35.37
N VAL C 552 -33.20 36.45 -34.53
CA VAL C 552 -32.77 35.07 -34.32
C VAL C 552 -33.13 34.23 -35.53
N LYS C 553 -32.18 33.41 -35.96
CA LYS C 553 -32.40 32.59 -37.15
C LYS C 553 -33.35 31.44 -36.86
N LYS C 554 -33.96 30.93 -37.93
CA LYS C 554 -34.86 29.79 -37.83
C LYS C 554 -34.09 28.56 -37.36
N GLY C 555 -34.55 27.95 -36.28
CA GLY C 555 -33.92 26.77 -35.73
C GLY C 555 -32.84 27.02 -34.70
N ALA C 556 -32.57 28.28 -34.37
CA ALA C 556 -31.56 28.61 -33.38
C ALA C 556 -32.13 28.49 -31.97
N LYS C 557 -31.23 28.52 -30.98
CA LYS C 557 -31.61 28.45 -29.57
C LYS C 557 -31.61 29.84 -28.97
N VAL C 558 -32.55 30.09 -28.06
CA VAL C 558 -32.64 31.34 -27.33
C VAL C 558 -32.26 31.07 -25.88
N GLU C 559 -31.28 31.83 -25.39
CA GLU C 559 -30.80 31.68 -24.01
C GLU C 559 -31.56 32.64 -23.11
N VAL C 560 -32.01 32.13 -21.96
CA VAL C 560 -32.74 32.93 -20.97
C VAL C 560 -32.08 32.68 -19.62
N THR C 561 -31.42 33.71 -19.09
CA THR C 561 -30.77 33.64 -17.78
C THR C 561 -31.53 34.51 -16.79
N ILE C 562 -31.73 33.99 -15.58
CA ILE C 562 -32.42 34.70 -14.52
C ILE C 562 -31.49 34.78 -13.31
N ASN C 563 -31.26 35.98 -12.82
CA ASN C 563 -30.38 36.24 -11.69
C ASN C 563 -31.19 36.83 -10.56
N VAL C 564 -31.14 36.20 -9.38
CA VAL C 564 -31.81 36.69 -8.18
C VAL C 564 -30.73 37.00 -7.15
N ASN C 565 -30.78 38.20 -6.59
CA ASN C 565 -29.81 38.63 -5.59
C ASN C 565 -30.38 38.46 -4.19
N THR C 566 -29.54 38.78 -3.19
CA THR C 566 -29.92 38.56 -1.80
C THR C 566 -31.13 39.41 -1.41
N ASP C 567 -31.24 40.61 -1.97
CA ASP C 567 -32.37 41.49 -1.70
C ASP C 567 -33.56 41.21 -2.59
N LEU C 568 -33.55 40.09 -3.33
CA LEU C 568 -34.62 39.65 -4.22
C LEU C 568 -34.72 40.49 -5.49
N THR C 569 -33.69 41.26 -5.81
CA THR C 569 -33.62 41.91 -7.12
C THR C 569 -33.45 40.84 -8.20
N VAL C 570 -34.21 40.97 -9.28
CA VAL C 570 -34.22 40.00 -10.36
C VAL C 570 -33.63 40.66 -11.60
N ILE C 571 -32.56 40.06 -12.14
CA ILE C 571 -31.92 40.51 -13.36
C ILE C 571 -32.20 39.49 -14.45
N VAL C 572 -32.58 39.96 -15.64
CA VAL C 572 -32.95 39.11 -16.76
C VAL C 572 -32.04 39.43 -17.94
N THR C 573 -31.45 38.39 -18.53
CA THR C 573 -30.67 38.51 -19.75
C THR C 573 -31.14 37.44 -20.74
N ALA C 574 -31.32 37.84 -22.00
CA ALA C 574 -31.82 36.92 -23.03
C ALA C 574 -31.16 37.27 -24.36
N ARG C 575 -30.63 36.24 -25.04
CA ARG C 575 -29.94 36.44 -26.30
C ARG C 575 -30.09 35.19 -27.17
N GLU C 576 -29.57 35.29 -28.38
CA GLU C 576 -29.46 34.15 -29.28
C GLU C 576 -28.14 33.44 -29.03
N VAL C 577 -28.17 32.11 -28.96
CA VAL C 577 -26.96 31.34 -28.68
C VAL C 577 -25.99 31.47 -29.84
N GLY C 578 -24.74 31.80 -29.52
CA GLY C 578 -23.75 32.03 -30.55
C GLY C 578 -23.94 33.32 -31.32
N GLY C 579 -24.63 34.29 -30.75
CA GLY C 579 -24.91 35.53 -31.44
C GLY C 579 -24.62 36.73 -30.57
N LYS C 580 -24.13 37.79 -31.20
CA LYS C 580 -23.91 39.04 -30.49
C LYS C 580 -25.24 39.74 -30.23
N GLY C 581 -25.27 40.53 -29.16
CA GLY C 581 -26.47 41.26 -28.83
C GLY C 581 -27.39 40.54 -27.88
N GLY C 582 -28.04 41.29 -27.00
CA GLY C 582 -28.96 40.73 -26.03
C GLY C 582 -29.66 41.85 -25.30
N VAL C 583 -30.71 41.47 -24.57
CA VAL C 583 -31.52 42.42 -23.80
C VAL C 583 -31.33 42.11 -22.32
N ARG C 584 -30.92 43.12 -21.56
CA ARG C 584 -30.74 43.00 -20.12
C ARG C 584 -31.71 43.93 -19.41
N GLY C 585 -32.28 43.45 -18.31
CA GLY C 585 -33.21 44.26 -17.53
C GLY C 585 -33.12 43.90 -16.06
N THR C 586 -33.53 44.84 -15.23
CA THR C 586 -33.41 44.70 -13.78
C THR C 586 -34.74 44.98 -13.11
N LEU C 587 -35.19 44.04 -12.26
CA LEU C 587 -36.38 44.19 -11.44
C LEU C 587 -35.91 44.47 -10.02
N SER C 588 -35.85 45.75 -9.66
CA SER C 588 -35.35 46.15 -8.34
C SER C 588 -36.40 45.88 -7.28
N ALA C 589 -35.96 45.36 -6.14
CA ALA C 589 -36.86 45.05 -5.03
C ALA C 589 -37.37 46.31 -4.36
N ASN D 5 -24.35 24.50 -15.15
CA ASN D 5 -24.77 23.94 -16.43
C ASN D 5 -25.66 24.92 -17.19
N ALA D 6 -26.56 24.36 -18.01
CA ALA D 6 -27.57 25.12 -18.73
C ALA D 6 -28.64 24.17 -19.23
N THR D 7 -29.87 24.33 -18.72
CA THR D 7 -30.94 23.38 -19.01
C THR D 7 -31.50 23.63 -20.40
N VAL D 8 -31.51 22.59 -21.24
CA VAL D 8 -32.08 22.65 -22.57
C VAL D 8 -33.50 22.07 -22.52
N VAL D 9 -34.47 22.82 -23.05
CA VAL D 9 -35.87 22.41 -23.06
C VAL D 9 -36.40 22.59 -24.47
N SER D 10 -37.00 21.53 -25.01
CA SER D 10 -37.51 21.53 -26.39
C SER D 10 -38.95 22.04 -26.44
N LEU D 11 -39.14 23.25 -25.90
CA LEU D 11 -40.40 23.97 -26.02
C LEU D 11 -40.12 25.36 -26.54
N PRO D 12 -40.93 25.86 -27.48
CA PRO D 12 -40.60 27.12 -28.16
C PRO D 12 -41.17 28.34 -27.46
N LEU D 13 -40.41 29.44 -27.59
CA LEU D 13 -40.83 30.74 -27.11
C LEU D 13 -41.87 31.34 -28.06
N PRO D 14 -42.78 32.17 -27.55
CA PRO D 14 -43.84 32.71 -28.41
C PRO D 14 -43.31 33.77 -29.37
N THR D 15 -43.96 33.86 -30.53
CA THR D 15 -43.61 34.91 -31.47
C THR D 15 -44.03 36.26 -30.93
N LEU D 16 -43.24 37.29 -31.21
CA LEU D 16 -43.46 38.60 -30.63
C LEU D 16 -44.76 39.20 -31.15
N PRO D 17 -45.63 39.71 -30.28
CA PRO D 17 -46.88 40.32 -30.75
C PRO D 17 -46.61 41.57 -31.58
N GLU D 18 -47.60 41.92 -32.38
CA GLU D 18 -47.54 43.15 -33.16
C GLU D 18 -47.66 44.36 -32.23
N GLY D 19 -46.79 45.34 -32.46
CA GLY D 19 -46.80 46.54 -31.65
C GLY D 19 -46.32 46.30 -30.23
N TRP D 20 -45.08 45.84 -30.09
CA TRP D 20 -44.44 45.63 -28.80
C TRP D 20 -43.28 46.61 -28.69
N ALA D 21 -43.31 47.44 -27.64
CA ALA D 21 -42.31 48.48 -27.46
C ALA D 21 -41.94 48.61 -25.99
N ALA D 22 -40.69 48.99 -25.75
CA ALA D 22 -40.11 49.23 -24.44
C ALA D 22 -38.70 49.77 -24.63
N GLU D 23 -38.30 50.67 -23.73
CA GLU D 23 -36.94 51.21 -23.80
C GLU D 23 -35.92 50.10 -23.57
N LYS D 24 -34.98 49.97 -24.51
CA LYS D 24 -33.98 48.89 -24.50
C LYS D 24 -34.65 47.51 -24.53
N ASP D 25 -35.79 47.42 -25.22
CA ASP D 25 -36.47 46.15 -25.47
C ASP D 25 -36.84 45.42 -24.18
N PHE D 26 -37.01 46.15 -23.08
CA PHE D 26 -37.28 45.53 -21.79
C PHE D 26 -38.38 46.29 -21.06
N LYS D 27 -39.38 45.56 -20.58
CA LYS D 27 -40.52 46.13 -19.87
C LYS D 27 -40.64 45.44 -18.51
N ALA D 28 -40.47 46.22 -17.45
CA ALA D 28 -40.61 45.70 -16.09
C ALA D 28 -42.08 45.76 -15.68
N ILE D 29 -42.60 44.62 -15.21
CA ILE D 29 -44.02 44.54 -14.84
C ILE D 29 -44.14 44.50 -13.33
N GLY D 30 -43.46 43.54 -12.70
CA GLY D 30 -43.53 43.38 -11.26
C GLY D 30 -42.17 43.11 -10.64
N LYS D 31 -42.15 42.74 -9.36
CA LYS D 31 -40.91 42.46 -8.64
C LYS D 31 -41.15 41.31 -7.70
N LEU D 32 -40.08 40.86 -7.06
CA LEU D 32 -40.16 39.90 -5.97
C LEU D 32 -40.27 40.65 -4.65
N THR D 33 -41.26 40.28 -3.84
CA THR D 33 -41.41 40.84 -2.52
C THR D 33 -40.85 39.87 -1.47
N GLN D 34 -40.50 40.43 -0.31
CA GLN D 34 -40.06 39.59 0.80
C GLN D 34 -41.11 38.57 1.20
N GLU D 35 -42.37 38.83 0.87
CA GLU D 35 -43.44 37.91 1.26
C GLU D 35 -43.44 36.65 0.40
N GLY D 36 -43.10 36.78 -0.89
CA GLY D 36 -42.87 35.63 -1.74
C GLY D 36 -41.60 34.87 -1.44
N SER D 37 -40.93 35.20 -0.34
CA SER D 37 -39.68 34.59 0.08
C SER D 37 -39.84 33.97 1.47
N SER D 38 -38.81 33.24 1.89
CA SER D 38 -38.81 32.59 3.20
C SER D 38 -37.37 32.38 3.64
N MET D 39 -37.11 32.63 4.92
CA MET D 39 -35.77 32.43 5.48
C MET D 39 -35.63 30.99 5.96
N ARG D 40 -34.59 30.32 5.48
CA ARG D 40 -34.32 28.94 5.85
C ARG D 40 -32.82 28.76 6.08
N THR D 41 -32.47 27.72 6.82
CA THR D 41 -31.08 27.43 7.16
C THR D 41 -30.51 26.37 6.23
N LEU D 42 -29.31 26.61 5.72
CA LEU D 42 -28.62 25.66 4.87
C LEU D 42 -27.81 24.67 5.73
N GLU D 43 -27.54 23.51 5.15
CA GLU D 43 -26.62 22.57 5.76
C GLU D 43 -25.19 22.98 5.41
N PRO D 44 -24.36 23.31 6.40
CA PRO D 44 -23.00 23.77 6.09
C PRO D 44 -22.10 22.67 5.53
N VAL D 45 -22.53 22.06 4.42
CA VAL D 45 -21.91 20.86 3.88
C VAL D 45 -21.72 21.03 2.38
N GLY D 46 -20.54 20.66 1.89
CA GLY D 46 -20.29 20.63 0.47
C GLY D 46 -19.37 21.74 -0.01
N PRO D 47 -18.74 21.53 -1.18
CA PRO D 47 -17.84 22.57 -1.71
C PRO D 47 -18.58 23.82 -2.14
N HIS D 48 -19.85 23.71 -2.51
CA HIS D 48 -20.60 24.90 -2.92
C HIS D 48 -20.97 25.76 -1.72
N PHE D 49 -21.27 25.15 -0.58
CA PHE D 49 -21.51 25.95 0.61
C PHE D 49 -20.24 26.65 1.08
N LEU D 50 -19.09 25.96 0.98
CA LEU D 50 -17.82 26.58 1.37
C LEU D 50 -17.50 27.77 0.48
N ALA D 51 -17.81 27.67 -0.82
CA ALA D 51 -17.62 28.81 -1.71
C ALA D 51 -18.54 29.96 -1.30
N HIS D 52 -19.77 29.64 -0.91
CA HIS D 52 -20.66 30.68 -0.43
C HIS D 52 -20.16 31.28 0.88
N ALA D 53 -19.56 30.45 1.74
CA ALA D 53 -19.10 30.94 3.03
C ALA D 53 -17.91 31.88 2.87
N ARG D 54 -17.00 31.59 1.93
CA ARG D 54 -15.81 32.42 1.80
C ARG D 54 -16.14 33.78 1.19
N ARG D 55 -17.17 33.86 0.34
CA ARG D 55 -17.55 35.15 -0.23
C ARG D 55 -18.41 35.98 0.71
N VAL D 56 -19.03 35.35 1.70
CA VAL D 56 -19.73 36.11 2.74
C VAL D 56 -18.74 36.78 3.67
N ARG D 57 -17.63 36.12 4.00
CA ARG D 57 -16.56 36.72 4.79
C ARG D 57 -15.87 37.88 4.08
N HIS D 58 -16.24 38.19 2.85
CA HIS D 58 -15.68 39.32 2.10
C HIS D 58 -16.77 40.28 1.65
PG ATP E . 17.93 -12.94 2.39
O1G ATP E . 17.94 -13.93 1.24
O2G ATP E . 19.30 -12.52 2.85
O3G ATP E . 16.97 -13.28 3.51
PB ATP E . 17.99 -10.69 0.66
O1B ATP E . 16.90 -10.09 -0.18
O2B ATP E . 19.15 -11.44 0.04
O3B ATP E . 17.28 -11.60 1.78
PA ATP E . 19.10 -8.11 1.19
O1A ATP E . 17.98 -7.38 0.51
O2A ATP E . 20.47 -8.23 0.57
O3A ATP E . 18.57 -9.56 1.65
O5' ATP E . 19.24 -7.47 2.65
C5' ATP E . 18.09 -7.41 3.47
C4' ATP E . 18.49 -6.97 4.86
O4' ATP E . 19.28 -5.79 4.74
C3' ATP E . 17.27 -6.62 5.70
O3' ATP E . 17.38 -7.28 6.98
C2' ATP E . 17.35 -5.12 5.88
O2' ATP E . 16.92 -4.75 7.19
C1' ATP E . 18.83 -4.83 5.67
N9 ATP E . 19.07 -3.46 5.16
C8 ATP E . 18.57 -2.89 4.05
N7 ATP E . 19.00 -1.62 3.92
C5 ATP E . 19.80 -1.35 4.98
C6 ATP E . 20.58 -0.19 5.46
N6 ATP E . 20.62 0.98 4.77
N1 ATP E . 21.27 -0.33 6.62
C2 ATP E . 21.26 -1.49 7.31
N3 ATP E . 20.57 -2.58 6.93
C4 ATP E . 19.83 -2.56 5.79
MG MG F . 20.81 -12.28 -0.84
PG ATP G . -28.81 2.95 15.07
O1G ATP G . -27.96 4.15 15.42
O2G ATP G . -30.08 3.30 14.33
O3G ATP G . -29.00 1.93 16.17
PB ATP G . -26.62 2.61 13.24
O1B ATP G . -25.53 2.69 14.27
O2B ATP G . -26.92 3.80 12.35
O3B ATP G . -27.98 2.13 13.95
PA ATP G . -26.67 1.02 10.83
O1A ATP G . -25.54 0.20 10.27
O2A ATP G . -27.16 2.24 10.08
O3A ATP G . -26.35 1.27 12.38
O5' ATP G . -27.93 0.05 10.96
C5' ATP G . -27.72 -1.24 11.52
C4' ATP G . -28.93 -2.13 11.24
O4' ATP G . -28.93 -2.48 9.85
C3' ATP G . -28.81 -3.40 12.05
O3' ATP G . -30.09 -3.73 12.60
C2' ATP G . -28.42 -4.45 11.04
O2' ATP G . -29.01 -5.71 11.38
C1' ATP G . -29.00 -3.90 9.74
N9 ATP G . -28.20 -4.38 8.58
C8 ATP G . -26.88 -4.27 8.42
N7 ATP G . -26.48 -4.83 7.25
C5 ATP G . -27.59 -5.31 6.63
C6 ATP G . -27.89 -6.00 5.37
N6 ATP G . -26.91 -6.31 4.50
N1 ATP G . -29.18 -6.32 5.11
C2 ATP G . -30.17 -6.02 5.97
N3 ATP G . -29.96 -5.39 7.15
C4 ATP G . -28.72 -5.00 7.52
MG MG H . -27.32 5.78 12.14
#